data_7DOC
#
_entry.id   7DOC
#
_cell.length_a   59.154
_cell.length_b   59.614
_cell.length_c   215.073
_cell.angle_alpha   90.000
_cell.angle_beta   90.000
_cell.angle_gamma   90.000
#
_symmetry.space_group_name_H-M   'P 21 21 21'
#
loop_
_entity.id
_entity.type
_entity.pdbx_description
1 polymer 'Core protein'
2 polymer 'Core protein'
3 polymer 'Genome polyprotein'
4 polymer 'Core protein'
5 polymer 'Serine protease subunit NS2B'
6 polymer 'Core protein'
7 polymer 'Genome polyprotein'
8 polymer 3-PYRIDIN-4-YL-2,4-DIHYDRO-INDENO[1,2-.C.]PYRAZOLE
9 water water
#
loop_
_entity_poly.entity_id
_entity_poly.type
_entity_poly.pdbx_seq_one_letter_code
_entity_poly.pdbx_strand_id
1 'polypeptide(L)' DMYIERAGDITWEKDAEVTGNSPRLDVALDESGDFSLVE A,G
2 'polypeptide(L)'
;ETTDGVYRVMTRRLLGSTQVGVGVMQEGVFHTMWHVTKGAALRSGEGRLDPYWGDVKQDLVSYCGPWKLDAAWDGLSEVQ
LLAVPPGERAKNIQTLPGIFKTKDGDIGAVALDYPAGTSGSPILDKCGRVIGLYGNGVVIKNGSYVSAITQGK
;
B
3 'polypeptide(L)' DMYIERAGDITWEKDAEVTGNSPRLDVALDESGDFSLV C
4 'polypeptide(L)'
;TTDGVYRVMTRRLLGSTQVGVGVMQEGVFHTMWHVTKGAALRSGEGRLDPYWGDVKQDLVSYCGPWKLDAAWDGLSEVQL
LAVPPGERAKNIQTLPGIFKTKDGDIGAVALDYPAGTSGSPILDKCGRVIGLYGNGVVIKNGSYVSAITQGK
;
D
5 'polypeptide(L)' MYIERAGDITWEKDAEVTGNSPRLDVALDESGDFSLVEE E
6 'polypeptide(L)'
;KKGETTDGVYRVMTRRLLGSTQVGVGVMQEGVFHTMWHVTKGAALRSGEGRLDPYWGDVKQDLVSYCGPWKLDAAWDGLS
EVQLLAVPPGERAKNIQTLPGIFKTKDGDIGAVALDYPAGTSGSPILDKCGRVIGLYGNGVVIKNGSYVSAITQGKRE
;
F
7 'polypeptide(L)'
;TTDGVYRVMTRRLLGSTQVGVGVMQEGVFHTMWHVTKGAALRSGEGRLDPYWGDVKQDLVSYCGPWKLDAAWDGLSEVQL
LAVPPGERAKNIQTLPGIFKTKDGDIGAVALDYPAGTSGSPILDKCGRVIGLYGNGVVIKNGSYVSAITQGKR
;
H
8 'polypeptide(L)' (HHC)GKRK I
#
# COMPACT_ATOMS: atom_id res chain seq x y z
N ASP A 1 -8.29 10.76 -17.15
CA ASP A 1 -9.62 10.24 -16.84
C ASP A 1 -9.69 8.74 -17.07
N MET A 2 -10.22 8.01 -16.09
CA MET A 2 -10.45 6.58 -16.22
C MET A 2 -11.86 6.33 -16.72
N TYR A 3 -12.03 5.21 -17.43
CA TYR A 3 -13.33 4.81 -17.94
C TYR A 3 -13.41 3.30 -17.95
N ILE A 4 -14.63 2.78 -17.96
CA ILE A 4 -14.88 1.36 -17.93
C ILE A 4 -15.60 0.94 -19.20
N GLU A 5 -15.34 -0.30 -19.62
CA GLU A 5 -16.01 -0.89 -20.77
C GLU A 5 -16.27 -2.35 -20.47
N ARG A 6 -17.48 -2.80 -20.79
CA ARG A 6 -17.90 -4.14 -20.48
C ARG A 6 -16.96 -5.19 -21.07
N ALA A 7 -16.75 -6.28 -20.32
CA ALA A 7 -15.89 -7.37 -20.77
C ALA A 7 -16.59 -8.71 -20.86
N GLY A 8 -17.76 -8.86 -20.29
CA GLY A 8 -18.48 -10.11 -20.39
C GLY A 8 -19.38 -10.33 -19.20
N ASP A 9 -20.05 -11.47 -19.24
CA ASP A 9 -20.93 -11.85 -18.15
C ASP A 9 -20.17 -12.55 -17.03
N ILE A 10 -20.82 -12.62 -15.86
CA ILE A 10 -20.30 -13.36 -14.72
C ILE A 10 -21.02 -14.69 -14.70
N THR A 11 -20.41 -15.73 -15.27
CA THR A 11 -21.05 -17.02 -15.39
C THR A 11 -20.00 -18.11 -15.26
N TRP A 12 -20.40 -19.22 -14.64
CA TRP A 12 -19.55 -20.40 -14.54
C TRP A 12 -19.59 -21.20 -15.83
N GLU A 13 -18.41 -21.52 -16.37
CA GLU A 13 -18.30 -22.32 -17.59
C GLU A 13 -17.91 -23.74 -17.20
N LYS A 14 -18.69 -24.71 -17.70
CA LYS A 14 -18.54 -26.09 -17.22
C LYS A 14 -17.19 -26.68 -17.58
N ASP A 15 -16.71 -26.42 -18.79
CA ASP A 15 -15.47 -27.04 -19.28
C ASP A 15 -14.30 -26.07 -19.28
N ALA A 16 -14.06 -25.47 -18.12
CA ALA A 16 -12.96 -24.52 -17.94
C ALA A 16 -11.68 -25.26 -17.55
N GLU A 17 -10.55 -24.72 -18.01
CA GLU A 17 -9.27 -25.33 -17.68
C GLU A 17 -8.98 -25.19 -16.19
N VAL A 18 -8.59 -26.30 -15.57
CA VAL A 18 -8.30 -26.36 -14.14
C VAL A 18 -6.80 -26.36 -13.94
N THR A 19 -6.30 -25.38 -13.20
CA THR A 19 -4.87 -25.23 -12.94
C THR A 19 -4.70 -24.51 -11.61
N GLY A 20 -3.47 -24.46 -11.15
CA GLY A 20 -3.18 -23.74 -9.90
C GLY A 20 -3.23 -24.64 -8.68
N ASN A 21 -2.29 -24.58 -7.77
CA ASN A 21 -2.31 -25.64 -6.78
C ASN A 21 -3.01 -24.98 -5.58
N SER A 22 -2.95 -25.53 -4.36
CA SER A 22 -3.70 -24.94 -3.25
C SER A 22 -2.90 -24.71 -1.98
N PRO A 23 -2.01 -23.73 -1.97
CA PRO A 23 -1.14 -23.52 -0.81
C PRO A 23 -1.85 -22.90 0.39
N ARG A 24 -1.35 -23.28 1.58
CA ARG A 24 -1.81 -22.71 2.86
C ARG A 24 -0.66 -21.92 3.48
N LEU A 25 -0.81 -20.60 3.54
CA LEU A 25 0.27 -19.71 3.96
C LEU A 25 -0.14 -18.90 5.18
N ASP A 26 0.85 -18.64 6.04
CA ASP A 26 0.67 -17.73 7.16
C ASP A 26 1.09 -16.33 6.72
N VAL A 27 0.14 -15.40 6.71
CA VAL A 27 0.37 -14.06 6.19
C VAL A 27 -0.06 -13.03 7.22
N ALA A 28 0.45 -11.81 7.06
CA ALA A 28 0.08 -10.67 7.86
C ALA A 28 -0.33 -9.53 6.94
N LEU A 29 -1.34 -8.77 7.36
CA LEU A 29 -1.88 -7.68 6.56
C LEU A 29 -1.62 -6.37 7.30
N ASP A 30 -0.90 -5.46 6.65
CA ASP A 30 -0.56 -4.18 7.25
C ASP A 30 -1.67 -3.18 7.00
N GLU A 31 -1.50 -1.96 7.55
CA GLU A 31 -2.53 -0.94 7.40
C GLU A 31 -2.68 -0.47 5.96
N SER A 32 -1.64 -0.60 5.15
CA SER A 32 -1.71 -0.20 3.75
C SER A 32 -2.25 -1.31 2.85
N GLY A 33 -2.87 -2.33 3.43
CA GLY A 33 -3.49 -3.38 2.64
C GLY A 33 -2.50 -4.31 1.97
N ASP A 34 -1.27 -4.39 2.46
CA ASP A 34 -0.24 -5.20 1.85
C ASP A 34 -0.09 -6.50 2.62
N PHE A 35 -0.02 -7.61 1.91
CA PHE A 35 0.16 -8.92 2.51
C PHE A 35 1.65 -9.25 2.62
N SER A 36 2.00 -9.97 3.67
CA SER A 36 3.39 -10.34 3.94
C SER A 36 3.42 -11.74 4.52
N LEU A 37 4.44 -12.51 4.16
CA LEU A 37 4.61 -13.84 4.73
C LEU A 37 5.12 -13.73 6.17
N VAL A 38 4.62 -14.60 7.03
CA VAL A 38 4.97 -14.61 8.45
C VAL A 38 5.90 -15.75 8.82
N GLU A 39 6.17 -16.67 7.89
CA GLU A 39 7.07 -17.79 8.16
C GLU A 39 7.48 -18.48 6.86
N GLU B 1 -22.87 2.48 -19.05
CA GLU B 1 -23.44 1.15 -19.02
C GLU B 1 -23.51 0.61 -17.58
N THR B 2 -24.75 0.45 -17.09
CA THR B 2 -25.12 -0.18 -15.82
C THR B 2 -25.53 -1.65 -15.95
N THR B 3 -25.07 -2.34 -16.99
CA THR B 3 -25.44 -3.72 -17.25
C THR B 3 -24.54 -4.62 -16.41
N ASP B 4 -25.14 -5.41 -15.52
CA ASP B 4 -24.36 -6.33 -14.71
C ASP B 4 -23.36 -7.08 -15.57
N GLY B 5 -22.22 -7.43 -14.96
CA GLY B 5 -21.16 -8.12 -15.67
C GLY B 5 -19.80 -7.60 -15.24
N VAL B 6 -18.73 -8.06 -15.88
CA VAL B 6 -17.38 -7.62 -15.56
C VAL B 6 -16.92 -6.62 -16.61
N TYR B 7 -16.12 -5.65 -16.16
CA TYR B 7 -15.69 -4.54 -16.99
C TYR B 7 -14.18 -4.38 -16.89
N ARG B 8 -13.59 -3.79 -17.92
CA ARG B 8 -12.20 -3.35 -17.87
C ARG B 8 -12.15 -1.91 -17.40
N VAL B 9 -11.15 -1.59 -16.58
CA VAL B 9 -10.93 -0.23 -16.11
C VAL B 9 -9.76 0.34 -16.91
N MET B 10 -10.06 1.22 -17.85
CA MET B 10 -9.06 1.77 -18.75
C MET B 10 -8.74 3.21 -18.37
N THR B 11 -7.58 3.67 -18.82
CA THR B 11 -7.17 5.06 -18.64
C THR B 11 -6.54 5.56 -19.93
N ARG B 12 -6.87 6.79 -20.30
CA ARG B 12 -6.34 7.44 -21.49
C ARG B 12 -5.36 8.55 -21.12
N ARG B 13 -4.63 8.35 -20.03
CA ARG B 13 -3.71 9.36 -19.50
C ARG B 13 -2.26 8.95 -19.67
N LEU B 14 -1.95 7.65 -19.62
CA LEU B 14 -0.62 7.15 -19.91
C LEU B 14 -0.35 7.19 -21.40
N LEU B 15 0.47 6.26 -21.89
CA LEU B 15 0.63 6.08 -23.32
C LEU B 15 -0.61 5.43 -23.90
N GLY B 16 -1.19 6.05 -24.92
CA GLY B 16 -2.37 5.48 -25.56
C GLY B 16 -3.45 5.15 -24.55
N SER B 17 -4.06 3.97 -24.70
CA SER B 17 -5.12 3.49 -23.82
C SER B 17 -4.60 2.27 -23.07
N THR B 18 -4.44 2.42 -21.75
CA THR B 18 -3.91 1.37 -20.90
C THR B 18 -5.01 0.80 -20.01
N GLN B 19 -4.98 -0.51 -19.78
CA GLN B 19 -5.91 -1.17 -18.87
C GLN B 19 -5.26 -1.29 -17.50
N VAL B 20 -5.83 -0.61 -16.50
CA VAL B 20 -5.25 -0.60 -15.16
C VAL B 20 -5.86 -1.66 -14.25
N GLY B 21 -7.02 -2.21 -14.58
CA GLY B 21 -7.64 -3.20 -13.72
C GLY B 21 -8.96 -3.67 -14.28
N VAL B 22 -9.68 -4.41 -13.45
CA VAL B 22 -10.97 -4.98 -13.81
C VAL B 22 -11.95 -4.71 -12.68
N GLY B 23 -13.24 -4.68 -13.03
CA GLY B 23 -14.28 -4.42 -12.05
C GLY B 23 -15.54 -5.20 -12.36
N VAL B 24 -16.45 -5.21 -11.38
CA VAL B 24 -17.71 -5.93 -11.47
C VAL B 24 -18.85 -4.92 -11.31
N MET B 25 -19.85 -5.02 -12.18
CA MET B 25 -21.06 -4.21 -12.10
C MET B 25 -22.20 -5.11 -11.63
N GLN B 26 -22.80 -4.75 -10.48
CA GLN B 26 -23.87 -5.55 -9.91
C GLN B 26 -24.76 -4.66 -9.07
N GLU B 27 -26.07 -4.76 -9.29
CA GLU B 27 -27.06 -3.98 -8.55
C GLU B 27 -26.77 -2.48 -8.66
N GLY B 28 -26.31 -2.06 -9.83
CA GLY B 28 -26.02 -0.66 -10.06
C GLY B 28 -24.78 -0.14 -9.38
N VAL B 29 -23.98 -1.01 -8.77
CA VAL B 29 -22.76 -0.61 -8.08
C VAL B 29 -21.58 -1.28 -8.77
N PHE B 30 -20.52 -0.50 -9.00
CA PHE B 30 -19.29 -1.00 -9.61
C PHE B 30 -18.29 -1.30 -8.51
N HIS B 31 -17.82 -2.55 -8.47
CA HIS B 31 -16.89 -3.01 -7.44
C HIS B 31 -15.53 -3.27 -8.08
N THR B 32 -14.47 -2.75 -7.47
CA THR B 32 -13.11 -3.01 -7.89
C THR B 32 -12.19 -2.90 -6.68
N MET B 33 -10.89 -2.92 -6.93
CA MET B 33 -9.89 -2.82 -5.87
C MET B 33 -9.36 -1.40 -5.79
N TRP B 34 -9.05 -0.96 -4.57
CA TRP B 34 -8.67 0.43 -4.36
C TRP B 34 -7.42 0.79 -5.16
N HIS B 35 -6.40 -0.08 -5.12
CA HIS B 35 -5.15 0.23 -5.79
C HIS B 35 -5.30 0.37 -7.31
N VAL B 36 -6.44 0.00 -7.86
CA VAL B 36 -6.66 0.15 -9.29
C VAL B 36 -7.04 1.60 -9.63
N THR B 37 -8.06 2.13 -8.96
CA THR B 37 -8.53 3.48 -9.21
C THR B 37 -8.02 4.51 -8.20
N LYS B 38 -7.60 4.07 -7.02
CA LYS B 38 -7.19 4.98 -5.95
C LYS B 38 -8.30 5.99 -5.65
N GLY B 39 -9.54 5.52 -5.73
CA GLY B 39 -10.69 6.35 -5.43
C GLY B 39 -11.10 7.32 -6.50
N ALA B 40 -10.39 7.33 -7.64
CA ALA B 40 -10.71 8.28 -8.71
C ALA B 40 -12.06 7.96 -9.32
N ALA B 41 -12.65 8.97 -9.95
CA ALA B 41 -13.92 8.80 -10.63
C ALA B 41 -13.72 8.02 -11.93
N LEU B 42 -14.83 7.46 -12.43
CA LEU B 42 -14.79 6.63 -13.63
C LEU B 42 -15.85 7.10 -14.62
N ARG B 43 -15.48 7.07 -15.90
CA ARG B 43 -16.40 7.41 -16.98
C ARG B 43 -16.92 6.13 -17.61
N SER B 44 -18.24 6.05 -17.79
CA SER B 44 -18.89 4.91 -18.43
C SER B 44 -19.77 5.48 -19.55
N GLY B 45 -19.16 5.67 -20.71
CA GLY B 45 -19.87 6.35 -21.79
C GLY B 45 -19.91 7.82 -21.50
N GLU B 46 -21.11 8.40 -21.59
CA GLU B 46 -21.29 9.81 -21.23
C GLU B 46 -21.48 9.98 -19.72
N GLY B 47 -22.00 8.96 -19.04
CA GLY B 47 -22.20 9.07 -17.61
C GLY B 47 -20.90 9.00 -16.83
N ARG B 48 -20.99 9.43 -15.57
CA ARG B 48 -19.85 9.44 -14.66
C ARG B 48 -20.18 8.62 -13.43
N LEU B 49 -19.20 7.87 -12.95
CA LEU B 49 -19.35 7.03 -11.76
C LEU B 49 -18.54 7.64 -10.63
N ASP B 50 -19.22 7.99 -9.54
CA ASP B 50 -18.51 8.61 -8.43
C ASP B 50 -18.28 7.60 -7.33
N PRO B 51 -17.11 7.64 -6.67
CA PRO B 51 -16.86 6.69 -5.58
C PRO B 51 -17.88 6.85 -4.47
N TYR B 52 -18.21 5.74 -3.83
CA TYR B 52 -19.19 5.71 -2.75
C TYR B 52 -18.62 5.18 -1.45
N TRP B 53 -17.79 4.14 -1.51
CA TRP B 53 -17.15 3.58 -0.33
C TRP B 53 -15.80 3.00 -0.71
N GLY B 54 -14.86 3.06 0.21
CA GLY B 54 -13.52 2.55 -0.03
C GLY B 54 -12.80 2.25 1.26
N ASP B 55 -11.82 1.36 1.16
CA ASP B 55 -11.00 0.98 2.31
C ASP B 55 -9.64 0.54 1.80
N VAL B 56 -8.59 1.23 2.25
CA VAL B 56 -7.25 0.94 1.74
C VAL B 56 -6.75 -0.40 2.26
N LYS B 57 -7.05 -0.72 3.53
CA LYS B 57 -6.59 -1.98 4.09
C LYS B 57 -7.24 -3.16 3.39
N GLN B 58 -8.54 -3.07 3.11
CA GLN B 58 -9.22 -4.09 2.33
C GLN B 58 -8.85 -4.03 0.85
N ASP B 59 -8.33 -2.89 0.39
CA ASP B 59 -8.01 -2.70 -1.03
C ASP B 59 -9.26 -2.84 -1.89
N LEU B 60 -10.37 -2.28 -1.43
CA LEU B 60 -11.64 -2.37 -2.11
C LEU B 60 -12.26 -0.98 -2.23
N VAL B 61 -13.09 -0.81 -3.26
CA VAL B 61 -13.80 0.44 -3.49
C VAL B 61 -15.07 0.14 -4.27
N SER B 62 -16.13 0.87 -3.94
CA SER B 62 -17.42 0.73 -4.62
C SER B 62 -17.85 2.08 -5.18
N TYR B 63 -18.58 2.03 -6.29
CA TYR B 63 -19.05 3.23 -6.98
C TYR B 63 -20.57 3.19 -7.09
N CYS B 64 -21.19 4.36 -6.94
CA CYS B 64 -22.63 4.52 -7.16
C CYS B 64 -23.44 3.95 -6.00
N GLY B 65 -22.79 3.25 -5.08
CA GLY B 65 -23.49 2.65 -3.96
C GLY B 65 -22.60 1.81 -3.07
N PRO B 66 -23.20 1.22 -2.03
CA PRO B 66 -22.43 0.40 -1.10
C PRO B 66 -22.04 -0.93 -1.72
N TRP B 67 -21.07 -1.59 -1.09
CA TRP B 67 -20.64 -2.91 -1.54
C TRP B 67 -21.83 -3.86 -1.60
N LYS B 68 -22.00 -4.51 -2.75
CA LYS B 68 -23.15 -5.37 -3.00
C LYS B 68 -22.81 -6.85 -3.04
N LEU B 69 -21.54 -7.22 -3.14
CA LEU B 69 -21.14 -8.61 -3.27
C LEU B 69 -21.08 -9.27 -1.90
N ASP B 70 -21.83 -10.36 -1.74
CA ASP B 70 -21.95 -11.03 -0.46
C ASP B 70 -21.48 -12.49 -0.46
N ALA B 71 -21.46 -13.15 -1.61
CA ALA B 71 -21.06 -14.55 -1.66
C ALA B 71 -19.65 -14.72 -1.11
N ALA B 72 -19.42 -15.88 -0.49
CA ALA B 72 -18.13 -16.22 0.09
C ALA B 72 -17.75 -17.63 -0.32
N TRP B 73 -16.44 -17.89 -0.33
CA TRP B 73 -15.96 -19.23 -0.65
C TRP B 73 -16.41 -20.21 0.42
N ASP B 74 -16.93 -21.37 0.00
CA ASP B 74 -17.40 -22.35 0.96
C ASP B 74 -16.27 -23.09 1.65
N GLY B 75 -15.03 -22.91 1.21
CA GLY B 75 -13.88 -23.57 1.79
C GLY B 75 -13.63 -24.97 1.29
N LEU B 76 -14.50 -25.51 0.44
CA LEU B 76 -14.38 -26.87 -0.07
C LEU B 76 -14.36 -26.92 -1.59
N SER B 77 -15.32 -26.27 -2.24
CA SER B 77 -15.51 -26.41 -3.68
C SER B 77 -14.46 -25.62 -4.46
N GLU B 78 -14.27 -26.03 -5.71
CA GLU B 78 -13.44 -25.28 -6.64
C GLU B 78 -14.15 -23.98 -7.04
N VAL B 79 -13.34 -23.00 -7.45
CA VAL B 79 -13.85 -21.72 -7.92
C VAL B 79 -13.31 -21.45 -9.32
N GLN B 80 -13.78 -20.36 -9.92
CA GLN B 80 -13.36 -19.96 -11.25
C GLN B 80 -12.96 -18.50 -11.21
N LEU B 81 -11.71 -18.22 -11.60
CA LEU B 81 -11.25 -16.84 -11.76
C LEU B 81 -11.55 -16.39 -13.18
N LEU B 82 -12.48 -15.44 -13.33
CA LEU B 82 -12.80 -14.87 -14.63
C LEU B 82 -11.77 -13.77 -14.92
N ALA B 83 -10.59 -14.21 -15.37
CA ALA B 83 -9.49 -13.29 -15.60
C ALA B 83 -9.74 -12.48 -16.86
N VAL B 84 -9.57 -11.16 -16.77
CA VAL B 84 -9.74 -10.26 -17.91
C VAL B 84 -8.40 -9.56 -18.18
N PRO B 85 -7.44 -10.22 -18.83
CA PRO B 85 -6.15 -9.58 -19.05
C PRO B 85 -6.28 -8.46 -20.06
N PRO B 86 -5.43 -7.44 -19.97
CA PRO B 86 -5.51 -6.32 -20.92
C PRO B 86 -5.31 -6.78 -22.36
N GLY B 87 -6.22 -6.35 -23.23
CA GLY B 87 -6.11 -6.65 -24.65
C GLY B 87 -6.52 -8.04 -25.05
N GLU B 88 -6.86 -8.91 -24.10
CA GLU B 88 -7.25 -10.29 -24.37
C GLU B 88 -8.66 -10.54 -23.84
N ARG B 89 -9.23 -11.67 -24.26
CA ARG B 89 -10.62 -11.98 -23.93
C ARG B 89 -10.75 -12.61 -22.56
N ALA B 90 -11.92 -12.42 -21.96
CA ALA B 90 -12.22 -12.98 -20.65
C ALA B 90 -12.22 -14.50 -20.71
N LYS B 91 -11.48 -15.13 -19.78
CA LYS B 91 -11.36 -16.57 -19.72
C LYS B 91 -11.59 -17.05 -18.30
N ASN B 92 -12.41 -18.09 -18.16
CA ASN B 92 -12.67 -18.70 -16.86
C ASN B 92 -11.60 -19.74 -16.56
N ILE B 93 -10.94 -19.60 -15.42
CA ILE B 93 -9.90 -20.51 -14.98
C ILE B 93 -10.35 -21.15 -13.66
N GLN B 94 -10.52 -22.47 -13.68
CA GLN B 94 -10.95 -23.21 -12.50
C GLN B 94 -9.73 -23.63 -11.67
N THR B 95 -9.91 -23.65 -10.36
CA THR B 95 -8.83 -23.98 -9.44
C THR B 95 -9.40 -24.24 -8.07
N LEU B 96 -8.61 -24.91 -7.23
CA LEU B 96 -8.95 -25.06 -5.82
C LEU B 96 -8.14 -24.06 -5.02
N PRO B 97 -8.79 -23.10 -4.37
CA PRO B 97 -8.03 -22.04 -3.69
C PRO B 97 -7.27 -22.55 -2.48
N GLY B 98 -6.16 -21.88 -2.20
CA GLY B 98 -5.44 -22.09 -0.95
C GLY B 98 -6.10 -21.30 0.16
N ILE B 99 -5.31 -21.04 1.21
CA ILE B 99 -5.81 -20.30 2.38
C ILE B 99 -4.74 -19.34 2.85
N PHE B 100 -5.17 -18.10 3.14
CA PHE B 100 -4.34 -17.12 3.83
C PHE B 100 -4.70 -17.18 5.31
N LYS B 101 -3.75 -17.63 6.13
CA LYS B 101 -3.97 -17.78 7.56
C LYS B 101 -3.47 -16.52 8.26
N THR B 102 -4.39 -15.74 8.80
CA THR B 102 -4.08 -14.49 9.49
C THR B 102 -4.58 -14.57 10.93
N LYS B 103 -4.13 -13.60 11.74
CA LYS B 103 -4.59 -13.51 13.12
C LYS B 103 -6.08 -13.24 13.21
N ASP B 104 -6.67 -12.65 12.19
CA ASP B 104 -8.09 -12.32 12.17
C ASP B 104 -8.92 -13.33 11.38
N GLY B 105 -8.38 -14.51 11.12
CA GLY B 105 -9.08 -15.55 10.41
C GLY B 105 -8.34 -15.95 9.15
N ASP B 106 -8.94 -16.91 8.44
CA ASP B 106 -8.38 -17.44 7.21
C ASP B 106 -9.12 -16.87 6.01
N ILE B 107 -8.37 -16.62 4.94
CA ILE B 107 -8.93 -16.10 3.69
C ILE B 107 -8.48 -16.99 2.54
N GLY B 108 -9.40 -17.26 1.62
CA GLY B 108 -9.06 -18.07 0.47
C GLY B 108 -8.05 -17.37 -0.44
N ALA B 109 -7.25 -18.17 -1.12
CA ALA B 109 -6.23 -17.66 -2.04
C ALA B 109 -6.17 -18.57 -3.26
N VAL B 110 -5.97 -17.97 -4.42
CA VAL B 110 -5.88 -18.69 -5.68
C VAL B 110 -4.44 -18.56 -6.20
N ALA B 111 -3.88 -19.68 -6.65
CA ALA B 111 -2.51 -19.70 -7.15
C ALA B 111 -2.53 -19.58 -8.68
N LEU B 112 -2.93 -18.39 -9.13
CA LEU B 112 -2.95 -18.04 -10.54
C LEU B 112 -2.22 -16.72 -10.74
N ASP B 113 -1.28 -16.70 -11.68
CA ASP B 113 -0.42 -15.56 -11.93
C ASP B 113 -0.86 -14.90 -13.23
N TYR B 114 -1.28 -13.64 -13.15
CA TYR B 114 -1.76 -12.93 -14.33
C TYR B 114 -1.24 -11.51 -14.38
N PRO B 115 -1.24 -10.89 -15.56
CA PRO B 115 -0.63 -9.57 -15.74
C PRO B 115 -1.26 -8.49 -14.88
N ALA B 116 -0.55 -7.36 -14.82
CA ALA B 116 -0.96 -6.23 -13.98
C ALA B 116 -2.33 -5.69 -14.39
N GLY B 117 -2.73 -5.87 -15.64
CA GLY B 117 -4.05 -5.41 -16.03
C GLY B 117 -5.21 -6.18 -15.43
N THR B 118 -4.97 -7.24 -14.65
CA THR B 118 -6.02 -8.14 -14.20
C THR B 118 -6.58 -7.86 -12.80
N SER B 119 -5.98 -6.96 -12.02
CA SER B 119 -6.54 -6.70 -10.69
C SER B 119 -8.00 -6.30 -10.79
N GLY B 120 -8.83 -6.90 -9.93
CA GLY B 120 -10.26 -6.67 -9.96
C GLY B 120 -11.05 -7.77 -10.65
N SER B 121 -10.38 -8.75 -11.24
CA SER B 121 -11.10 -9.84 -11.87
C SER B 121 -11.91 -10.61 -10.84
N PRO B 122 -13.16 -10.93 -11.13
CA PRO B 122 -14.01 -11.59 -10.13
C PRO B 122 -13.68 -13.07 -9.99
N ILE B 123 -13.93 -13.58 -8.78
CA ILE B 123 -13.82 -15.00 -8.48
C ILE B 123 -15.22 -15.51 -8.16
N LEU B 124 -15.63 -16.58 -8.85
CA LEU B 124 -17.01 -17.03 -8.82
C LEU B 124 -17.10 -18.42 -8.20
N ASP B 125 -18.28 -18.71 -7.63
CA ASP B 125 -18.60 -20.03 -7.14
C ASP B 125 -19.43 -20.77 -8.19
N LYS B 126 -19.80 -22.01 -7.87
CA LYS B 126 -20.50 -22.86 -8.84
C LYS B 126 -21.81 -22.24 -9.30
N CYS B 127 -22.42 -21.36 -8.50
CA CYS B 127 -23.69 -20.73 -8.85
C CYS B 127 -23.52 -19.35 -9.48
N GLY B 128 -22.31 -19.03 -9.92
CA GLY B 128 -22.08 -17.78 -10.62
C GLY B 128 -22.02 -16.55 -9.74
N ARG B 129 -21.99 -16.71 -8.42
CA ARG B 129 -21.93 -15.57 -7.51
C ARG B 129 -20.48 -15.17 -7.27
N VAL B 130 -20.22 -13.86 -7.28
CA VAL B 130 -18.88 -13.34 -7.07
C VAL B 130 -18.53 -13.43 -5.59
N ILE B 131 -17.50 -14.20 -5.27
CA ILE B 131 -17.08 -14.41 -3.88
C ILE B 131 -15.82 -13.62 -3.53
N GLY B 132 -15.34 -12.80 -4.44
CA GLY B 132 -14.14 -12.01 -4.17
C GLY B 132 -13.53 -11.49 -5.45
N LEU B 133 -12.49 -10.68 -5.27
CA LEU B 133 -11.76 -10.07 -6.38
C LEU B 133 -10.30 -10.49 -6.35
N TYR B 134 -9.70 -10.52 -7.53
CA TYR B 134 -8.31 -10.96 -7.71
C TYR B 134 -7.41 -9.75 -7.94
N GLY B 135 -6.25 -9.77 -7.28
CA GLY B 135 -5.26 -8.74 -7.55
C GLY B 135 -4.42 -8.29 -6.37
N ASN B 136 -4.71 -8.76 -5.17
CA ASN B 136 -3.95 -8.38 -3.98
C ASN B 136 -3.49 -9.64 -3.27
N GLY B 137 -2.18 -9.89 -3.26
CA GLY B 137 -1.65 -11.08 -2.64
C GLY B 137 -0.15 -11.06 -2.42
N VAL B 138 0.49 -12.23 -2.51
CA VAL B 138 1.91 -12.38 -2.24
C VAL B 138 2.56 -13.24 -3.31
N VAL B 139 3.88 -13.14 -3.39
CA VAL B 139 4.71 -14.03 -4.20
C VAL B 139 5.48 -14.94 -3.26
N ILE B 140 5.41 -16.24 -3.47
CA ILE B 140 6.01 -17.18 -2.53
C ILE B 140 7.42 -17.55 -2.97
N LYS B 141 8.11 -18.33 -2.13
CA LYS B 141 9.54 -18.57 -2.32
C LYS B 141 9.88 -19.04 -3.73
N ASN B 142 8.96 -19.75 -4.39
CA ASN B 142 9.23 -20.24 -5.73
C ASN B 142 9.07 -19.16 -6.79
N GLY B 143 8.47 -18.02 -6.45
CA GLY B 143 8.17 -16.97 -7.40
C GLY B 143 6.76 -16.99 -7.94
N SER B 144 5.97 -17.99 -7.61
CA SER B 144 4.58 -18.02 -8.05
C SER B 144 3.76 -17.00 -7.27
N TYR B 145 2.79 -16.39 -7.96
CA TYR B 145 1.92 -15.41 -7.35
C TYR B 145 0.69 -16.09 -6.75
N VAL B 146 0.33 -15.68 -5.54
CA VAL B 146 -0.86 -16.18 -4.86
C VAL B 146 -1.67 -14.98 -4.40
N SER B 147 -2.88 -14.84 -4.94
CA SER B 147 -3.75 -13.71 -4.65
C SER B 147 -4.80 -14.13 -3.63
N ALA B 148 -5.09 -13.24 -2.69
CA ALA B 148 -6.19 -13.49 -1.76
C ALA B 148 -7.53 -13.29 -2.46
N ILE B 149 -8.54 -13.99 -1.97
CA ILE B 149 -9.91 -13.82 -2.44
C ILE B 149 -10.52 -12.71 -1.58
N THR B 150 -10.41 -11.47 -2.08
CA THR B 150 -10.79 -10.30 -1.30
C THR B 150 -12.27 -10.01 -1.52
N GLN B 151 -13.06 -10.15 -0.45
CA GLN B 151 -14.49 -9.89 -0.46
C GLN B 151 -14.83 -8.82 0.56
N GLY B 152 -15.81 -7.99 0.24
CA GLY B 152 -16.28 -6.95 1.13
C GLY B 152 -17.36 -7.44 2.06
N LYS B 153 -18.00 -6.48 2.73
CA LYS B 153 -19.06 -6.77 3.67
C LYS B 153 -20.35 -6.03 3.32
N ASP C 1 -4.49 -18.12 -44.16
CA ASP C 1 -3.11 -17.67 -44.34
C ASP C 1 -2.65 -16.83 -43.17
N MET C 2 -1.33 -16.81 -42.93
CA MET C 2 -0.73 -16.05 -41.86
C MET C 2 -0.08 -14.79 -42.40
N TYR C 3 0.02 -13.78 -41.55
CA TYR C 3 0.66 -12.52 -41.93
C TYR C 3 1.37 -11.94 -40.72
N ILE C 4 2.35 -11.08 -40.99
CA ILE C 4 3.17 -10.49 -39.94
C ILE C 4 3.02 -8.98 -39.97
N GLU C 5 3.14 -8.37 -38.79
CA GLU C 5 3.13 -6.92 -38.65
C GLU C 5 4.13 -6.52 -37.58
N ARG C 6 4.91 -5.49 -37.87
CA ARG C 6 5.97 -5.08 -36.95
C ARG C 6 5.39 -4.75 -35.58
N ALA C 7 6.16 -5.08 -34.53
CA ALA C 7 5.75 -4.81 -33.16
C ALA C 7 6.71 -3.90 -32.41
N GLY C 8 7.90 -3.67 -32.91
CA GLY C 8 8.83 -2.76 -32.28
C GLY C 8 10.26 -3.14 -32.57
N ASP C 9 11.17 -2.37 -32.01
CA ASP C 9 12.60 -2.65 -32.15
C ASP C 9 13.04 -3.70 -31.12
N ILE C 10 14.18 -4.31 -31.42
CA ILE C 10 14.83 -5.25 -30.52
C ILE C 10 15.93 -4.48 -29.81
N THR C 11 15.65 -4.03 -28.59
CA THR C 11 16.56 -3.18 -27.84
C THR C 11 16.47 -3.51 -26.36
N TRP C 12 17.61 -3.40 -25.68
CA TRP C 12 17.66 -3.56 -24.24
C TRP C 12 17.16 -2.30 -23.56
N GLU C 13 16.24 -2.45 -22.62
CA GLU C 13 15.66 -1.32 -21.90
C GLU C 13 16.34 -1.17 -20.55
N LYS C 14 16.87 0.02 -20.28
CA LYS C 14 17.66 0.22 -19.07
C LYS C 14 16.83 0.06 -17.82
N ASP C 15 15.61 0.58 -17.82
CA ASP C 15 14.74 0.56 -16.64
C ASP C 15 13.66 -0.50 -16.78
N ALA C 16 14.06 -1.75 -17.03
CA ALA C 16 13.13 -2.84 -17.18
C ALA C 16 12.85 -3.51 -15.84
N GLU C 17 11.62 -3.97 -15.67
CA GLU C 17 11.25 -4.66 -14.45
C GLU C 17 11.96 -6.00 -14.39
N VAL C 18 12.52 -6.32 -13.23
CA VAL C 18 13.24 -7.57 -13.01
C VAL C 18 12.27 -8.53 -12.34
N THR C 19 12.05 -9.67 -12.99
CA THR C 19 11.09 -10.65 -12.53
C THR C 19 11.59 -12.03 -12.94
N GLY C 20 10.94 -13.05 -12.41
CA GLY C 20 11.25 -14.42 -12.82
C GLY C 20 12.27 -15.12 -11.95
N ASN C 21 12.04 -16.41 -11.70
CA ASN C 21 12.94 -17.24 -10.93
C ASN C 21 14.12 -17.70 -11.80
N SER C 22 15.01 -18.52 -11.23
CA SER C 22 16.14 -19.05 -11.97
C SER C 22 16.35 -20.52 -11.58
N PRO C 23 15.38 -21.37 -11.89
CA PRO C 23 15.47 -22.78 -11.49
C PRO C 23 16.39 -23.58 -12.40
N ARG C 24 16.98 -24.62 -11.80
CA ARG C 24 17.79 -25.59 -12.54
C ARG C 24 17.02 -26.90 -12.55
N LEU C 25 16.52 -27.28 -13.73
CA LEU C 25 15.61 -28.41 -13.88
C LEU C 25 16.20 -29.45 -14.82
N ASP C 26 15.87 -30.72 -14.53
CA ASP C 26 16.21 -31.84 -15.40
C ASP C 26 15.06 -32.08 -16.38
N VAL C 27 15.36 -31.94 -17.67
CA VAL C 27 14.35 -32.05 -18.71
C VAL C 27 14.79 -33.05 -19.75
N ALA C 28 13.82 -33.52 -20.54
CA ALA C 28 14.07 -34.42 -21.66
C ALA C 28 13.42 -33.86 -22.92
N LEU C 29 14.10 -34.01 -24.05
CA LEU C 29 13.64 -33.49 -25.33
C LEU C 29 13.34 -34.65 -26.26
N ASP C 30 12.11 -34.75 -26.72
CA ASP C 30 11.70 -35.82 -27.61
C ASP C 30 11.96 -35.44 -29.07
N GLU C 31 11.67 -36.37 -29.98
CA GLU C 31 11.89 -36.11 -31.40
C GLU C 31 10.94 -35.05 -31.95
N SER C 32 9.79 -34.86 -31.33
CA SER C 32 8.82 -33.86 -31.77
C SER C 32 9.07 -32.49 -31.13
N GLY C 33 10.24 -32.27 -30.55
CA GLY C 33 10.57 -30.96 -30.00
C GLY C 33 9.84 -30.59 -28.73
N ASP C 34 9.34 -31.58 -28.00
CA ASP C 34 8.59 -31.34 -26.77
C ASP C 34 9.46 -31.61 -25.55
N PHE C 35 9.41 -30.70 -24.59
CA PHE C 35 10.15 -30.84 -23.34
C PHE C 35 9.33 -31.56 -22.29
N SER C 36 10.02 -32.32 -21.44
CA SER C 36 9.38 -33.08 -20.38
C SER C 36 10.27 -33.06 -19.14
N LEU C 37 9.64 -32.95 -17.98
CA LEU C 37 10.36 -33.00 -16.71
C LEU C 37 10.73 -34.43 -16.37
N VAL C 38 11.92 -34.60 -15.80
CA VAL C 38 12.43 -35.93 -15.48
C VAL C 38 12.34 -36.18 -13.97
N THR D 1 9.95 -5.40 -44.93
CA THR D 1 10.62 -6.47 -44.20
C THR D 1 11.76 -5.89 -43.35
N THR D 2 11.40 -4.93 -42.49
CA THR D 2 12.38 -4.16 -41.74
C THR D 2 12.76 -4.89 -40.47
N ASP D 3 14.05 -4.80 -40.10
CA ASP D 3 14.50 -5.39 -38.85
C ASP D 3 13.59 -5.00 -37.70
N GLY D 4 13.46 -5.91 -36.72
CA GLY D 4 12.61 -5.66 -35.58
C GLY D 4 11.85 -6.91 -35.18
N VAL D 5 10.96 -6.80 -34.20
CA VAL D 5 10.14 -7.93 -33.78
C VAL D 5 8.75 -7.75 -34.37
N TYR D 6 8.12 -8.87 -34.74
CA TYR D 6 6.84 -8.85 -35.43
C TYR D 6 5.88 -9.82 -34.75
N ARG D 7 4.59 -9.55 -34.89
CA ARG D 7 3.56 -10.50 -34.49
C ARG D 7 3.17 -11.36 -35.68
N VAL D 8 2.94 -12.64 -35.41
CA VAL D 8 2.47 -13.58 -36.43
C VAL D 8 0.99 -13.79 -36.19
N MET D 9 0.16 -13.20 -37.04
CA MET D 9 -1.27 -13.22 -36.86
C MET D 9 -1.93 -14.16 -37.85
N THR D 10 -3.15 -14.58 -37.50
CA THR D 10 -4.01 -15.35 -38.38
C THR D 10 -5.42 -14.83 -38.27
N ARG D 11 -6.11 -14.71 -39.40
CA ARG D 11 -7.48 -14.22 -39.45
C ARG D 11 -8.46 -15.34 -39.75
N ARG D 12 -8.18 -16.55 -39.26
CA ARG D 12 -9.00 -17.71 -39.56
C ARG D 12 -9.76 -18.25 -38.35
N LEU D 13 -9.20 -18.16 -37.15
CA LEU D 13 -9.92 -18.57 -35.94
C LEU D 13 -10.94 -17.49 -35.57
N LEU D 14 -11.41 -17.51 -34.33
CA LEU D 14 -12.33 -16.49 -33.85
C LEU D 14 -11.65 -15.12 -33.86
N GLY D 15 -12.16 -14.22 -34.70
CA GLY D 15 -11.56 -12.91 -34.84
C GLY D 15 -10.13 -12.98 -35.36
N SER D 16 -9.37 -11.94 -35.02
CA SER D 16 -7.95 -11.91 -35.31
C SER D 16 -7.19 -12.54 -34.15
N THR D 17 -6.39 -13.56 -34.46
CA THR D 17 -5.63 -14.27 -33.43
C THR D 17 -4.13 -14.12 -33.70
N GLN D 18 -3.38 -13.92 -32.61
CA GLN D 18 -1.92 -13.91 -32.66
C GLN D 18 -1.43 -15.28 -32.22
N VAL D 19 -0.81 -16.01 -33.14
CA VAL D 19 -0.32 -17.36 -32.84
C VAL D 19 1.14 -17.38 -32.41
N GLY D 20 1.87 -16.29 -32.62
CA GLY D 20 3.25 -16.26 -32.20
C GLY D 20 3.92 -14.95 -32.56
N VAL D 21 5.24 -14.91 -32.36
CA VAL D 21 6.07 -13.74 -32.60
C VAL D 21 7.32 -14.17 -33.35
N GLY D 22 7.90 -13.23 -34.07
CA GLY D 22 9.10 -13.51 -34.84
C GLY D 22 10.05 -12.33 -34.86
N VAL D 23 11.26 -12.61 -35.32
CA VAL D 23 12.34 -11.62 -35.39
C VAL D 23 12.77 -11.48 -36.85
N MET D 24 12.92 -10.24 -37.30
CA MET D 24 13.43 -9.95 -38.63
C MET D 24 14.83 -9.36 -38.50
N GLN D 25 15.82 -10.03 -39.10
CA GLN D 25 17.20 -9.60 -39.01
C GLN D 25 17.96 -10.10 -40.24
N GLU D 26 18.72 -9.21 -40.88
CA GLU D 26 19.50 -9.54 -42.06
C GLU D 26 18.62 -10.15 -43.16
N GLY D 27 17.40 -9.63 -43.29
CA GLY D 27 16.49 -10.10 -44.31
C GLY D 27 15.89 -11.46 -44.08
N VAL D 28 16.11 -12.06 -42.91
CA VAL D 28 15.58 -13.37 -42.57
C VAL D 28 14.64 -13.22 -41.39
N PHE D 29 13.48 -13.87 -41.47
CA PHE D 29 12.50 -13.87 -40.40
C PHE D 29 12.66 -15.15 -39.58
N HIS D 30 12.91 -15.00 -38.28
CA HIS D 30 13.13 -16.12 -37.38
C HIS D 30 11.94 -16.25 -36.43
N THR D 31 11.41 -17.47 -36.32
CA THR D 31 10.35 -17.77 -35.36
C THR D 31 10.45 -19.25 -35.01
N MET D 32 9.45 -19.75 -34.29
CA MET D 32 9.41 -21.14 -33.86
C MET D 32 8.52 -21.96 -34.78
N TRP D 33 8.92 -23.22 -34.99
CA TRP D 33 8.22 -24.06 -35.97
C TRP D 33 6.75 -24.23 -35.61
N HIS D 34 6.47 -24.53 -34.33
CA HIS D 34 5.09 -24.79 -33.92
C HIS D 34 4.17 -23.59 -34.13
N VAL D 35 4.73 -22.41 -34.41
CA VAL D 35 3.89 -21.24 -34.65
C VAL D 35 3.32 -21.26 -36.07
N THR D 36 4.19 -21.41 -37.07
CA THR D 36 3.76 -21.44 -38.46
C THR D 36 3.70 -22.85 -39.04
N LYS D 37 4.39 -23.82 -38.44
CA LYS D 37 4.47 -25.17 -38.98
C LYS D 37 4.96 -25.16 -40.42
N GLY D 38 5.89 -24.25 -40.72
CA GLY D 38 6.49 -24.16 -42.03
C GLY D 38 5.65 -23.48 -43.08
N ALA D 39 4.46 -23.01 -42.75
CA ALA D 39 3.60 -22.36 -43.73
C ALA D 39 4.21 -21.04 -44.18
N ALA D 40 3.79 -20.59 -45.36
CA ALA D 40 4.26 -19.31 -45.86
C ALA D 40 3.63 -18.17 -45.09
N LEU D 41 4.27 -17.01 -45.16
CA LEU D 41 3.84 -15.83 -44.42
C LEU D 41 3.72 -14.64 -45.34
N ARG D 42 2.70 -13.81 -45.09
CA ARG D 42 2.47 -12.58 -45.84
C ARG D 42 3.01 -11.42 -45.03
N SER D 43 3.78 -10.55 -45.69
CA SER D 43 4.36 -9.34 -45.10
C SER D 43 3.96 -8.18 -46.00
N GLY D 44 2.75 -7.67 -45.79
CA GLY D 44 2.22 -6.66 -46.67
C GLY D 44 1.75 -7.24 -47.99
N GLU D 45 2.31 -6.75 -49.09
CA GLU D 45 1.98 -7.27 -50.42
C GLU D 45 2.87 -8.44 -50.82
N GLY D 46 3.94 -8.71 -50.09
CA GLY D 46 4.85 -9.78 -50.42
C GLY D 46 4.55 -11.06 -49.66
N ARG D 47 5.30 -12.11 -50.04
CA ARG D 47 5.18 -13.42 -49.42
C ARG D 47 6.55 -13.89 -48.95
N LEU D 48 6.59 -14.52 -47.78
CA LEU D 48 7.82 -15.04 -47.20
C LEU D 48 7.78 -16.55 -47.25
N ASP D 49 8.75 -17.14 -47.95
CA ASP D 49 8.74 -18.59 -48.02
C ASP D 49 9.78 -19.19 -47.08
N PRO D 50 9.46 -20.30 -46.42
CA PRO D 50 10.43 -20.93 -45.51
C PRO D 50 11.71 -21.30 -46.24
N TYR D 51 12.81 -21.24 -45.51
CA TYR D 51 14.14 -21.56 -46.01
C TYR D 51 14.80 -22.69 -45.24
N TRP D 52 14.64 -22.72 -43.91
CA TRP D 52 15.19 -23.78 -43.08
C TRP D 52 14.27 -23.98 -41.88
N GLY D 53 14.20 -25.22 -41.41
CA GLY D 53 13.37 -25.54 -40.27
C GLY D 53 13.78 -26.84 -39.63
N ASP D 54 13.42 -26.98 -38.36
CA ASP D 54 13.74 -28.17 -37.59
C ASP D 54 12.69 -28.35 -36.52
N VAL D 55 11.97 -29.47 -36.55
CA VAL D 55 10.88 -29.68 -35.61
C VAL D 55 11.40 -29.92 -34.20
N LYS D 56 12.51 -30.66 -34.07
CA LYS D 56 13.05 -30.90 -32.74
C LYS D 56 13.57 -29.62 -32.11
N GLN D 57 14.22 -28.76 -32.90
CA GLN D 57 14.61 -27.45 -32.41
C GLN D 57 13.41 -26.52 -32.27
N ASP D 58 12.30 -26.82 -32.94
CA ASP D 58 11.13 -25.96 -32.93
C ASP D 58 11.47 -24.57 -33.47
N LEU D 59 12.27 -24.55 -34.54
CA LEU D 59 12.72 -23.31 -35.14
C LEU D 59 12.49 -23.35 -36.64
N VAL D 60 12.33 -22.17 -37.23
CA VAL D 60 12.15 -22.03 -38.67
C VAL D 60 12.64 -20.66 -39.09
N SER D 61 13.26 -20.59 -40.28
CA SER D 61 13.74 -19.35 -40.85
C SER D 61 13.12 -19.12 -42.22
N TYR D 62 12.93 -17.85 -42.58
CA TYR D 62 12.31 -17.49 -43.84
C TYR D 62 13.23 -16.59 -44.65
N CYS D 63 13.23 -16.78 -45.96
CA CYS D 63 13.95 -15.90 -46.88
C CYS D 63 15.46 -16.14 -46.86
N GLY D 64 15.94 -16.93 -45.90
CA GLY D 64 17.35 -17.18 -45.77
C GLY D 64 17.69 -18.04 -44.57
N PRO D 65 18.98 -18.31 -44.37
CA PRO D 65 19.39 -19.15 -43.25
C PRO D 65 19.26 -18.42 -41.92
N TRP D 66 19.26 -19.22 -40.85
CA TRP D 66 19.22 -18.66 -39.50
C TRP D 66 20.37 -17.70 -39.30
N LYS D 67 20.06 -16.49 -38.81
CA LYS D 67 21.05 -15.44 -38.66
C LYS D 67 21.43 -15.13 -37.21
N LEU D 68 20.63 -15.59 -36.25
CA LEU D 68 20.87 -15.28 -34.85
C LEU D 68 21.87 -16.28 -34.27
N ASP D 69 23.00 -15.77 -33.78
CA ASP D 69 24.07 -16.62 -33.25
C ASP D 69 24.44 -16.32 -31.81
N ALA D 70 24.14 -15.14 -31.29
CA ALA D 70 24.50 -14.81 -29.93
C ALA D 70 23.89 -15.81 -28.95
N ALA D 71 24.61 -16.07 -27.86
CA ALA D 71 24.19 -17.04 -26.86
C ALA D 71 24.31 -16.43 -25.47
N TRP D 72 23.53 -16.98 -24.54
CA TRP D 72 23.59 -16.53 -23.16
C TRP D 72 24.95 -16.85 -22.56
N ASP D 73 25.54 -15.87 -21.86
CA ASP D 73 26.86 -16.04 -21.27
C ASP D 73 26.85 -16.90 -20.01
N GLY D 74 25.68 -17.25 -19.48
CA GLY D 74 25.63 -18.04 -18.27
C GLY D 74 25.74 -17.26 -16.98
N LEU D 75 25.98 -15.95 -17.05
CA LEU D 75 26.15 -15.11 -15.86
C LEU D 75 25.15 -13.98 -15.80
N SER D 76 25.05 -13.18 -16.87
CA SER D 76 24.30 -11.94 -16.85
C SER D 76 22.79 -12.20 -16.92
N GLU D 77 22.03 -11.22 -16.43
CA GLU D 77 20.60 -11.21 -16.64
C GLU D 77 20.29 -10.89 -18.10
N VAL D 78 19.11 -11.32 -18.55
CA VAL D 78 18.68 -11.06 -19.91
C VAL D 78 17.33 -10.36 -19.87
N GLN D 79 16.83 -9.96 -21.04
CA GLN D 79 15.55 -9.28 -21.15
C GLN D 79 14.72 -10.00 -22.21
N LEU D 80 13.54 -10.48 -21.80
CA LEU D 80 12.57 -11.07 -22.72
C LEU D 80 11.68 -9.96 -23.26
N LEU D 81 11.80 -9.69 -24.56
CA LEU D 81 10.93 -8.71 -25.22
C LEU D 81 9.62 -9.42 -25.57
N ALA D 82 8.76 -9.54 -24.56
CA ALA D 82 7.51 -10.28 -24.73
C ALA D 82 6.53 -9.46 -25.55
N VAL D 83 5.94 -10.10 -26.55
CA VAL D 83 4.91 -9.47 -27.37
C VAL D 83 3.62 -10.29 -27.21
N PRO D 84 2.90 -10.13 -26.10
CA PRO D 84 1.70 -10.94 -25.89
C PRO D 84 0.59 -10.50 -26.84
N PRO D 85 -0.31 -11.40 -27.20
CA PRO D 85 -1.41 -11.02 -28.10
C PRO D 85 -2.24 -9.90 -27.50
N GLY D 86 -2.47 -8.85 -28.31
CA GLY D 86 -3.27 -7.73 -27.89
C GLY D 86 -2.59 -6.75 -26.97
N GLU D 87 -1.35 -7.01 -26.56
CA GLU D 87 -0.62 -6.13 -25.66
C GLU D 87 0.66 -5.63 -26.32
N ARG D 88 1.25 -4.60 -25.73
CA ARG D 88 2.42 -3.97 -26.29
C ARG D 88 3.70 -4.69 -25.87
N ALA D 89 4.73 -4.58 -26.71
CA ALA D 89 6.01 -5.19 -26.43
C ALA D 89 6.63 -4.59 -25.17
N LYS D 90 7.01 -5.44 -24.23
CA LYS D 90 7.59 -5.00 -22.97
C LYS D 90 8.85 -5.81 -22.68
N ASN D 91 9.91 -5.11 -22.28
CA ASN D 91 11.16 -5.77 -21.91
C ASN D 91 11.10 -6.19 -20.45
N ILE D 92 11.34 -7.48 -20.20
CA ILE D 92 11.35 -8.02 -18.85
C ILE D 92 12.72 -8.61 -18.57
N GLN D 93 13.40 -8.05 -17.57
CA GLN D 93 14.73 -8.51 -17.20
C GLN D 93 14.62 -9.64 -16.17
N THR D 94 15.54 -10.59 -16.27
CA THR D 94 15.51 -11.76 -15.40
C THR D 94 16.85 -12.47 -15.50
N LEU D 95 17.11 -13.33 -14.50
CA LEU D 95 18.24 -14.24 -14.55
C LEU D 95 17.75 -15.61 -14.95
N PRO D 96 18.18 -16.15 -16.09
CA PRO D 96 17.61 -17.41 -16.57
C PRO D 96 17.98 -18.58 -15.68
N GLY D 97 17.10 -19.58 -15.64
CA GLY D 97 17.39 -20.84 -15.02
C GLY D 97 18.22 -21.72 -15.92
N ILE D 98 18.17 -23.02 -15.66
CA ILE D 98 18.95 -24.00 -16.42
C ILE D 98 18.09 -25.21 -16.72
N PHE D 99 18.11 -25.66 -17.97
CA PHE D 99 17.55 -26.94 -18.37
C PHE D 99 18.70 -27.93 -18.47
N LYS D 100 18.72 -28.92 -17.58
CA LYS D 100 19.78 -29.93 -17.56
C LYS D 100 19.30 -31.14 -18.35
N THR D 101 19.93 -31.38 -19.49
CA THR D 101 19.60 -32.50 -20.36
C THR D 101 20.81 -33.39 -20.54
N LYS D 102 20.57 -34.58 -21.09
CA LYS D 102 21.66 -35.51 -21.37
C LYS D 102 22.62 -34.96 -22.41
N ASP D 103 22.18 -34.02 -23.23
CA ASP D 103 23.00 -33.45 -24.29
C ASP D 103 23.56 -32.07 -23.92
N GLY D 104 23.53 -31.71 -22.64
CA GLY D 104 24.06 -30.44 -22.18
C GLY D 104 23.00 -29.61 -21.49
N ASP D 105 23.42 -28.42 -21.06
CA ASP D 105 22.55 -27.48 -20.38
C ASP D 105 22.10 -26.39 -21.33
N ILE D 106 20.84 -25.99 -21.20
CA ILE D 106 20.27 -24.89 -21.98
C ILE D 106 19.60 -23.92 -21.03
N GLY D 107 19.78 -22.63 -21.29
CA GLY D 107 19.18 -21.61 -20.46
C GLY D 107 17.66 -21.61 -20.56
N ALA D 108 17.01 -21.21 -19.47
CA ALA D 108 15.56 -21.13 -19.41
C ALA D 108 15.15 -19.93 -18.57
N VAL D 109 14.09 -19.26 -19.01
CA VAL D 109 13.54 -18.10 -18.30
C VAL D 109 12.15 -18.48 -17.81
N ALA D 110 11.87 -18.17 -16.55
CA ALA D 110 10.60 -18.53 -15.92
C ALA D 110 9.63 -17.35 -15.96
N LEU D 111 9.14 -17.07 -17.16
CA LEU D 111 8.14 -16.04 -17.38
C LEU D 111 6.97 -16.67 -18.13
N ASP D 112 5.77 -16.50 -17.60
CA ASP D 112 4.58 -17.17 -18.13
C ASP D 112 3.74 -16.15 -18.89
N TYR D 113 3.55 -16.41 -20.18
CA TYR D 113 2.77 -15.56 -21.07
C TYR D 113 1.94 -16.47 -21.95
N PRO D 114 0.85 -15.95 -22.53
CA PRO D 114 -0.04 -16.79 -23.32
C PRO D 114 0.70 -17.44 -24.47
N ALA D 115 0.06 -18.47 -25.05
CA ALA D 115 0.70 -19.23 -26.12
C ALA D 115 1.01 -18.35 -27.33
N GLY D 116 0.25 -17.27 -27.52
CA GLY D 116 0.50 -16.36 -28.63
C GLY D 116 1.80 -15.59 -28.54
N THR D 117 2.54 -15.74 -27.45
CA THR D 117 3.79 -15.01 -27.25
C THR D 117 5.00 -15.81 -27.69
N SER D 118 4.83 -17.09 -28.03
CA SER D 118 5.95 -17.92 -28.46
C SER D 118 6.66 -17.27 -29.65
N GLY D 119 7.99 -17.27 -29.59
CA GLY D 119 8.81 -16.64 -30.60
C GLY D 119 9.35 -15.28 -30.23
N SER D 120 8.90 -14.71 -29.11
CA SER D 120 9.43 -13.42 -28.68
C SER D 120 10.92 -13.56 -28.37
N PRO D 121 11.74 -12.62 -28.79
CA PRO D 121 13.19 -12.77 -28.63
C PRO D 121 13.66 -12.53 -27.20
N ILE D 122 14.78 -13.19 -26.88
CA ILE D 122 15.48 -12.99 -25.61
C ILE D 122 16.83 -12.35 -25.92
N LEU D 123 17.11 -11.22 -25.27
CA LEU D 123 18.24 -10.38 -25.61
C LEU D 123 19.26 -10.34 -24.49
N ASP D 124 20.52 -10.07 -24.87
CA ASP D 124 21.59 -9.84 -23.92
C ASP D 124 21.80 -8.33 -23.71
N LYS D 125 22.74 -7.99 -22.84
CA LYS D 125 22.95 -6.59 -22.47
C LYS D 125 23.32 -5.71 -23.66
N CYS D 126 23.89 -6.29 -24.72
CA CYS D 126 24.28 -5.54 -25.90
C CYS D 126 23.26 -5.60 -27.02
N GLY D 127 22.02 -6.00 -26.71
CA GLY D 127 20.96 -6.01 -27.68
C GLY D 127 20.99 -7.17 -28.66
N ARG D 128 21.84 -8.17 -28.45
CA ARG D 128 21.92 -9.31 -29.33
C ARG D 128 20.91 -10.37 -28.91
N VAL D 129 20.23 -10.96 -29.89
CA VAL D 129 19.21 -11.97 -29.63
C VAL D 129 19.91 -13.28 -29.30
N ILE D 130 19.66 -13.80 -28.10
CA ILE D 130 20.29 -15.04 -27.65
C ILE D 130 19.34 -16.22 -27.68
N GLY D 131 18.11 -16.05 -28.16
CA GLY D 131 17.17 -17.14 -28.21
C GLY D 131 15.76 -16.64 -28.36
N LEU D 132 14.84 -17.59 -28.51
CA LEU D 132 13.43 -17.32 -28.68
C LEU D 132 12.63 -17.98 -27.56
N TYR D 133 11.51 -17.37 -27.21
CA TYR D 133 10.65 -17.81 -26.12
C TYR D 133 9.41 -18.50 -26.68
N GLY D 134 9.04 -19.63 -26.07
CA GLY D 134 7.80 -20.28 -26.45
C GLY D 134 7.78 -21.80 -26.41
N ASN D 135 8.91 -22.43 -26.13
CA ASN D 135 9.01 -23.88 -26.07
C ASN D 135 9.60 -24.27 -24.73
N GLY D 136 8.80 -24.92 -23.89
CA GLY D 136 9.26 -25.30 -22.56
C GLY D 136 8.39 -26.31 -21.84
N VAL D 137 8.29 -26.18 -20.53
CA VAL D 137 7.60 -27.13 -19.67
C VAL D 137 6.72 -26.38 -18.68
N VAL D 138 5.81 -27.13 -18.06
CA VAL D 138 5.01 -26.64 -16.95
C VAL D 138 5.55 -27.31 -15.68
N ILE D 139 5.88 -26.49 -14.68
CA ILE D 139 6.53 -27.00 -13.48
C ILE D 139 5.51 -27.28 -12.39
N LYS D 140 5.97 -27.86 -11.28
CA LYS D 140 5.07 -28.35 -10.24
C LYS D 140 4.07 -27.30 -9.79
N ASN D 141 4.46 -26.02 -9.82
CA ASN D 141 3.57 -24.95 -9.38
C ASN D 141 2.52 -24.60 -10.41
N GLY D 142 2.68 -25.04 -11.66
CA GLY D 142 1.81 -24.64 -12.74
C GLY D 142 2.33 -23.47 -13.55
N SER D 143 3.40 -22.84 -13.10
CA SER D 143 4.02 -21.76 -13.84
C SER D 143 4.78 -22.30 -15.04
N TYR D 144 4.79 -21.51 -16.12
CA TYR D 144 5.48 -21.90 -17.34
C TYR D 144 6.93 -21.45 -17.30
N VAL D 145 7.83 -22.33 -17.73
CA VAL D 145 9.25 -22.03 -17.82
C VAL D 145 9.69 -22.36 -19.24
N SER D 146 10.14 -21.33 -19.97
CA SER D 146 10.52 -21.47 -21.36
C SER D 146 12.03 -21.59 -21.52
N ALA D 147 12.45 -22.48 -22.41
CA ALA D 147 13.85 -22.57 -22.76
C ALA D 147 14.24 -21.40 -23.67
N ILE D 148 15.52 -21.02 -23.59
CA ILE D 148 16.07 -20.01 -24.49
C ILE D 148 16.58 -20.76 -25.71
N THR D 149 15.71 -20.89 -26.72
CA THR D 149 16.00 -21.70 -27.89
C THR D 149 16.69 -20.85 -28.95
N GLN D 150 17.92 -21.20 -29.27
CA GLN D 150 18.71 -20.49 -30.26
C GLN D 150 19.11 -21.43 -31.38
N GLY D 151 19.14 -20.92 -32.61
CA GLY D 151 19.53 -21.70 -33.77
C GLY D 151 21.02 -21.60 -34.05
N LYS D 152 21.39 -22.07 -35.24
CA LYS D 152 22.79 -22.04 -35.67
C LYS D 152 22.93 -21.34 -37.01
N MET E 1 -6.29 20.85 -3.28
CA MET E 1 -6.63 21.20 -1.91
C MET E 1 -5.43 21.03 -0.98
N TYR E 2 -5.40 21.82 0.09
CA TYR E 2 -4.35 21.75 1.08
C TYR E 2 -4.94 22.11 2.45
N ILE E 3 -4.24 21.70 3.50
CA ILE E 3 -4.72 21.91 4.87
C ILE E 3 -3.76 22.83 5.62
N GLU E 4 -4.29 23.56 6.59
CA GLU E 4 -3.51 24.43 7.45
C GLU E 4 -4.02 24.29 8.87
N ARG E 5 -3.08 24.27 9.82
CA ARG E 5 -3.48 24.16 11.22
C ARG E 5 -4.38 25.33 11.59
N ALA E 6 -5.38 25.04 12.42
CA ALA E 6 -6.31 26.06 12.89
C ALA E 6 -6.32 26.21 14.40
N GLY E 7 -5.76 25.26 15.13
CA GLY E 7 -5.67 25.35 16.58
C GLY E 7 -5.67 23.96 17.18
N ASP E 8 -5.57 23.93 18.50
CA ASP E 8 -5.63 22.68 19.23
C ASP E 8 -7.09 22.29 19.47
N ILE E 9 -7.29 21.00 19.76
CA ILE E 9 -8.61 20.47 20.08
C ILE E 9 -8.69 20.36 21.61
N THR E 10 -9.31 21.35 22.25
CA THR E 10 -9.36 21.39 23.70
C THR E 10 -10.67 22.01 24.15
N TRP E 11 -11.19 21.52 25.27
CA TRP E 11 -12.38 22.09 25.90
C TRP E 11 -12.02 23.35 26.66
N GLU E 12 -12.75 24.43 26.43
CA GLU E 12 -12.53 25.70 27.10
C GLU E 12 -13.57 25.87 28.19
N LYS E 13 -13.10 26.16 29.41
CA LYS E 13 -14.00 26.14 30.57
C LYS E 13 -15.06 27.23 30.47
N ASP E 14 -14.69 28.41 29.99
CA ASP E 14 -15.62 29.55 29.94
C ASP E 14 -16.12 29.76 28.51
N ALA E 15 -16.71 28.72 27.95
CA ALA E 15 -17.22 28.77 26.58
C ALA E 15 -18.65 29.29 26.56
N GLU E 16 -18.98 30.04 25.52
CA GLU E 16 -20.33 30.60 25.39
C GLU E 16 -21.34 29.49 25.13
N VAL E 17 -22.46 29.54 25.87
CA VAL E 17 -23.52 28.55 25.74
C VAL E 17 -24.63 29.15 24.88
N THR E 18 -24.93 28.49 23.76
CA THR E 18 -25.95 28.98 22.84
C THR E 18 -26.55 27.78 22.12
N GLY E 19 -27.69 28.02 21.47
CA GLY E 19 -28.33 26.99 20.67
C GLY E 19 -29.33 26.16 21.46
N ASN E 20 -30.46 25.85 20.83
CA ASN E 20 -31.50 25.04 21.45
C ASN E 20 -31.13 23.56 21.33
N SER E 21 -32.06 22.69 21.70
CA SER E 21 -31.86 21.24 21.70
C SER E 21 -33.05 20.57 21.02
N PRO E 22 -33.20 20.76 19.72
CA PRO E 22 -34.37 20.23 19.03
C PRO E 22 -34.29 18.73 18.82
N ARG E 23 -35.46 18.10 18.83
CA ARG E 23 -35.62 16.68 18.52
C ARG E 23 -36.38 16.58 17.21
N LEU E 24 -35.70 16.15 16.15
CA LEU E 24 -36.25 16.17 14.81
C LEU E 24 -36.33 14.76 14.23
N ASP E 25 -37.38 14.50 13.46
CA ASP E 25 -37.51 13.27 12.70
C ASP E 25 -36.93 13.49 11.31
N VAL E 26 -35.87 12.75 10.99
CA VAL E 26 -35.15 12.95 9.73
C VAL E 26 -35.01 11.61 9.01
N ALA E 27 -34.73 11.70 7.71
CA ALA E 27 -34.45 10.54 6.88
C ALA E 27 -33.14 10.77 6.16
N LEU E 28 -32.35 9.70 6.03
CA LEU E 28 -31.04 9.76 5.40
C LEU E 28 -31.07 8.92 4.12
N ASP E 29 -30.78 9.56 3.00
CA ASP E 29 -30.81 8.89 1.71
C ASP E 29 -29.46 8.21 1.43
N GLU E 30 -29.38 7.51 0.30
CA GLU E 30 -28.17 6.80 -0.04
C GLU E 30 -26.99 7.72 -0.32
N SER E 31 -27.25 8.97 -0.71
CA SER E 31 -26.20 9.93 -0.98
C SER E 31 -25.77 10.70 0.25
N GLY E 32 -26.13 10.23 1.44
CA GLY E 32 -25.68 10.86 2.67
C GLY E 32 -26.31 12.19 3.00
N ASP E 33 -27.50 12.48 2.45
CA ASP E 33 -28.17 13.75 2.68
C ASP E 33 -29.28 13.57 3.72
N PHE E 34 -29.34 14.50 4.66
CA PHE E 34 -30.39 14.49 5.67
C PHE E 34 -31.58 15.31 5.19
N SER E 35 -32.77 14.86 5.57
CA SER E 35 -34.00 15.52 5.17
C SER E 35 -35.02 15.42 6.29
N LEU E 36 -35.81 16.49 6.45
CA LEU E 36 -36.91 16.47 7.41
C LEU E 36 -38.05 15.61 6.87
N VAL E 37 -38.76 14.95 7.79
CA VAL E 37 -39.79 13.99 7.42
C VAL E 37 -41.14 14.69 7.51
N GLU E 38 -41.74 14.94 6.36
CA GLU E 38 -43.06 15.54 6.30
C GLU E 38 -44.05 14.68 7.06
N GLU E 39 -44.69 15.28 8.08
CA GLU E 39 -45.60 14.53 8.93
C GLU E 39 -46.72 15.43 9.44
N LYS F 1 11.34 14.26 17.01
CA LYS F 1 11.25 13.09 17.87
C LYS F 1 10.38 12.01 17.22
N LYS F 2 10.83 10.76 17.31
CA LYS F 2 10.09 9.65 16.72
C LYS F 2 8.73 9.51 17.38
N GLY F 3 7.69 9.47 16.56
CA GLY F 3 6.32 9.34 17.04
C GLY F 3 5.60 10.64 17.31
N GLU F 4 6.11 11.76 16.79
CA GLU F 4 5.55 13.09 17.06
C GLU F 4 4.62 13.47 15.93
N THR F 5 3.34 13.11 16.06
CA THR F 5 2.34 13.46 15.06
C THR F 5 1.65 14.77 15.45
N THR F 6 1.36 15.60 14.45
CA THR F 6 0.91 16.98 14.67
C THR F 6 -0.61 17.02 14.88
N ASP F 7 -1.04 16.47 16.01
CA ASP F 7 -2.44 16.53 16.41
C ASP F 7 -2.98 17.96 16.32
N GLY F 8 -4.29 18.07 16.08
CA GLY F 8 -4.96 19.35 16.02
C GLY F 8 -6.04 19.48 14.97
N VAL F 9 -6.64 20.67 14.87
CA VAL F 9 -7.69 20.96 13.89
C VAL F 9 -7.09 21.80 12.77
N TYR F 10 -7.55 21.55 11.54
CA TYR F 10 -7.00 22.19 10.36
C TYR F 10 -8.12 22.72 9.47
N ARG F 11 -7.79 23.75 8.69
CA ARG F 11 -8.65 24.21 7.62
C ARG F 11 -8.26 23.50 6.33
N VAL F 12 -9.26 23.15 5.53
CA VAL F 12 -9.05 22.53 4.22
C VAL F 12 -9.31 23.61 3.18
N MET F 13 -8.25 24.06 2.53
CA MET F 13 -8.28 25.20 1.63
C MET F 13 -8.27 24.77 0.16
N THR F 14 -8.55 25.73 -0.70
CA THR F 14 -8.54 25.55 -2.14
C THR F 14 -7.76 26.67 -2.80
N ARG F 15 -6.98 26.31 -3.81
CA ARG F 15 -6.13 27.25 -4.52
C ARG F 15 -6.63 27.62 -5.92
N ARG F 16 -7.55 26.84 -6.49
CA ARG F 16 -8.03 27.06 -7.86
C ARG F 16 -9.48 27.47 -7.94
N LEU F 17 -10.31 27.03 -6.98
CA LEU F 17 -11.71 27.41 -6.95
C LEU F 17 -11.91 28.88 -6.56
N THR F 21 -10.25 29.91 -1.07
CA THR F 21 -11.50 29.54 -0.44
C THR F 21 -11.27 28.42 0.57
N GLN F 22 -11.97 28.49 1.71
CA GLN F 22 -11.95 27.43 2.70
C GLN F 22 -13.16 26.54 2.46
N VAL F 23 -12.92 25.29 2.08
CA VAL F 23 -14.01 24.39 1.74
C VAL F 23 -14.45 23.53 2.92
N GLY F 24 -13.65 23.43 3.97
CA GLY F 24 -14.06 22.64 5.11
C GLY F 24 -12.98 22.62 6.18
N VAL F 25 -13.21 21.77 7.18
CA VAL F 25 -12.31 21.61 8.31
C VAL F 25 -12.10 20.13 8.55
N GLY F 26 -10.97 19.80 9.17
CA GLY F 26 -10.65 18.42 9.45
C GLY F 26 -9.92 18.30 10.77
N VAL F 27 -9.79 17.06 11.23
CA VAL F 27 -9.13 16.74 12.50
C VAL F 27 -7.95 15.84 12.20
N MET F 28 -6.80 16.17 12.78
CA MET F 28 -5.60 15.34 12.69
C MET F 28 -5.36 14.72 14.06
N GLN F 29 -5.35 13.38 14.11
CA GLN F 29 -5.17 12.66 15.36
C GLN F 29 -4.58 11.30 15.06
N GLU F 30 -3.53 10.93 15.80
CA GLU F 30 -2.86 9.65 15.62
C GLU F 30 -2.39 9.47 14.18
N GLY F 31 -1.95 10.57 13.56
CA GLY F 31 -1.44 10.53 12.21
C GLY F 31 -2.49 10.36 11.13
N VAL F 32 -3.77 10.43 11.47
CA VAL F 32 -4.85 10.28 10.51
C VAL F 32 -5.65 11.58 10.47
N PHE F 33 -5.98 12.03 9.26
CA PHE F 33 -6.78 13.23 9.05
C PHE F 33 -8.24 12.82 8.82
N HIS F 34 -9.13 13.34 9.66
CA HIS F 34 -10.56 13.04 9.59
C HIS F 34 -11.31 14.28 9.10
N THR F 35 -12.17 14.09 8.12
CA THR F 35 -13.05 15.14 7.64
C THR F 35 -14.31 14.51 7.07
N MET F 36 -15.15 15.32 6.43
CA MET F 36 -16.39 14.86 5.82
C MET F 36 -16.18 14.67 4.33
N TRP F 37 -16.84 13.65 3.77
CA TRP F 37 -16.61 13.30 2.37
C TRP F 37 -16.97 14.45 1.45
N HIS F 38 -18.12 15.09 1.67
CA HIS F 38 -18.58 16.14 0.77
C HIS F 38 -17.65 17.33 0.74
N VAL F 39 -16.67 17.41 1.65
CA VAL F 39 -15.72 18.51 1.63
C VAL F 39 -14.65 18.27 0.56
N THR F 40 -14.00 17.12 0.61
CA THR F 40 -12.94 16.78 -0.35
C THR F 40 -13.41 15.86 -1.47
N LYS F 41 -14.52 15.14 -1.27
CA LYS F 41 -14.99 14.16 -2.25
C LYS F 41 -13.90 13.15 -2.58
N GLY F 42 -13.12 12.77 -1.56
CA GLY F 42 -12.07 11.78 -1.71
C GLY F 42 -10.80 12.28 -2.36
N ALA F 43 -10.71 13.55 -2.71
CA ALA F 43 -9.52 14.07 -3.36
C ALA F 43 -8.33 14.07 -2.40
N ALA F 44 -7.14 14.07 -2.98
CA ALA F 44 -5.91 14.12 -2.20
C ALA F 44 -5.71 15.52 -1.63
N LEU F 45 -4.85 15.60 -0.61
CA LEU F 45 -4.58 16.85 0.09
C LEU F 45 -3.09 17.11 0.14
N ARG F 46 -2.71 18.37 -0.01
CA ARG F 46 -1.32 18.80 0.06
C ARG F 46 -1.02 19.38 1.44
N SER F 47 0.07 18.95 2.04
CA SER F 47 0.49 19.46 3.34
C SER F 47 1.94 19.92 3.31
N ARG F 51 2.03 15.01 0.57
CA ARG F 51 0.72 14.67 0.03
C ARG F 51 0.02 13.65 0.92
N LEU F 52 -1.28 13.84 1.11
CA LEU F 52 -2.10 12.95 1.92
C LEU F 52 -3.06 12.19 1.02
N ASP F 53 -2.97 10.86 1.04
CA ASP F 53 -3.87 10.10 0.18
C ASP F 53 -5.02 9.53 0.99
N PRO F 54 -6.23 9.53 0.42
CA PRO F 54 -7.37 8.96 1.16
C PRO F 54 -7.13 7.51 1.50
N TYR F 55 -7.68 7.09 2.64
CA TYR F 55 -7.54 5.73 3.15
C TYR F 55 -8.87 5.02 3.33
N TRP F 56 -9.90 5.72 3.81
CA TRP F 56 -11.22 5.14 3.97
C TRP F 56 -12.25 6.24 3.79
N GLY F 57 -13.41 5.87 3.27
CA GLY F 57 -14.47 6.84 3.05
C GLY F 57 -15.81 6.16 2.90
N ASP F 58 -16.87 6.93 3.16
CA ASP F 58 -18.24 6.44 3.04
C ASP F 58 -19.12 7.62 2.72
N VAL F 59 -19.80 7.57 1.56
CA VAL F 59 -20.59 8.70 1.11
C VAL F 59 -21.84 8.88 1.98
N LYS F 60 -22.48 7.78 2.37
CA LYS F 60 -23.68 7.91 3.18
C LYS F 60 -23.36 8.47 4.55
N GLN F 61 -22.26 8.02 5.16
CA GLN F 61 -21.81 8.60 6.41
C GLN F 61 -21.22 9.99 6.22
N ASP F 62 -20.84 10.34 4.99
CA ASP F 62 -20.22 11.63 4.69
C ASP F 62 -18.93 11.82 5.48
N LEU F 63 -18.13 10.77 5.55
CA LEU F 63 -16.87 10.78 6.29
C LEU F 63 -15.76 10.23 5.41
N VAL F 64 -14.54 10.69 5.68
CA VAL F 64 -13.36 10.24 4.96
C VAL F 64 -12.15 10.39 5.87
N SER F 65 -11.22 9.45 5.78
CA SER F 65 -9.98 9.47 6.54
C SER F 65 -8.80 9.42 5.59
N TYR F 66 -7.70 10.05 5.99
CA TYR F 66 -6.49 10.10 5.19
C TYR F 66 -5.32 9.51 5.96
N CYS F 67 -4.45 8.80 5.24
CA CYS F 67 -3.20 8.28 5.80
C CYS F 67 -3.41 7.10 6.75
N GLY F 68 -4.66 6.78 7.06
CA GLY F 68 -4.94 5.68 7.95
C GLY F 68 -6.41 5.52 8.25
N PRO F 69 -6.76 4.52 9.06
CA PRO F 69 -8.16 4.26 9.37
C PRO F 69 -8.73 5.31 10.32
N TRP F 70 -10.06 5.37 10.35
CA TRP F 70 -10.75 6.27 11.27
C TRP F 70 -10.32 5.97 12.70
N LYS F 71 -9.91 7.01 13.42
CA LYS F 71 -9.41 6.84 14.78
C LYS F 71 -10.34 7.37 15.86
N LEU F 72 -11.31 8.20 15.51
CA LEU F 72 -12.20 8.80 16.49
C LEU F 72 -13.36 7.87 16.79
N ASP F 73 -13.48 7.47 18.06
CA ASP F 73 -14.51 6.54 18.49
C ASP F 73 -15.43 7.09 19.58
N ALA F 74 -14.99 8.11 20.32
CA ALA F 74 -15.80 8.64 21.41
C ALA F 74 -17.17 9.09 20.89
N ALA F 75 -18.18 8.97 21.74
CA ALA F 75 -19.54 9.30 21.38
C ALA F 75 -20.17 10.17 22.46
N TRP F 76 -21.19 10.92 22.06
CA TRP F 76 -21.93 11.77 22.99
C TRP F 76 -22.67 10.90 24.01
N ASP F 77 -22.59 11.27 25.28
CA ASP F 77 -23.24 10.50 26.34
C ASP F 77 -24.74 10.68 26.36
N GLY F 78 -25.29 11.61 25.58
CA GLY F 78 -26.71 11.86 25.55
C GLY F 78 -27.23 12.77 26.63
N LEU F 79 -26.38 13.19 27.57
CA LEU F 79 -26.80 14.04 28.68
C LEU F 79 -26.02 15.34 28.75
N SER F 80 -24.69 15.28 28.69
CA SER F 80 -23.85 16.43 28.94
C SER F 80 -23.87 17.40 27.75
N GLU F 81 -23.53 18.65 28.05
CA GLU F 81 -23.31 19.63 27.00
C GLU F 81 -22.00 19.33 26.27
N VAL F 82 -21.92 19.79 25.02
CA VAL F 82 -20.73 19.63 24.20
C VAL F 82 -20.27 20.99 23.72
N GLN F 83 -19.12 21.00 23.05
CA GLN F 83 -18.53 22.22 22.51
C GLN F 83 -18.18 21.97 21.05
N LEU F 84 -18.74 22.79 20.16
CA LEU F 84 -18.37 22.76 18.75
C LEU F 84 -17.17 23.67 18.54
N LEU F 85 -16.03 23.06 18.19
CA LEU F 85 -14.82 23.82 17.88
C LEU F 85 -14.96 24.31 16.44
N ALA F 86 -15.74 25.37 16.28
CA ALA F 86 -16.06 25.89 14.96
C ALA F 86 -14.86 26.62 14.37
N VAL F 87 -14.53 26.28 13.13
CA VAL F 87 -13.47 26.96 12.39
C VAL F 87 -14.10 27.58 11.15
N PRO F 88 -14.82 28.70 11.27
CA PRO F 88 -15.48 29.27 10.11
C PRO F 88 -14.47 29.88 9.17
N PRO F 89 -14.75 29.91 7.87
CA PRO F 89 -13.82 30.51 6.92
C PRO F 89 -13.59 31.98 7.25
N GLY F 90 -12.32 32.38 7.31
CA GLY F 90 -11.97 33.76 7.57
C GLY F 90 -12.04 34.20 9.03
N GLU F 91 -12.48 33.32 9.94
CA GLU F 91 -12.60 33.66 11.34
C GLU F 91 -11.72 32.71 12.17
N ARG F 92 -11.52 33.10 13.43
CA ARG F 92 -10.67 32.33 14.33
C ARG F 92 -11.45 31.19 14.97
N ALA F 93 -10.72 30.13 15.33
CA ALA F 93 -11.35 28.98 15.98
C ALA F 93 -11.96 29.40 17.31
N LYS F 94 -13.24 29.08 17.50
CA LYS F 94 -13.98 29.45 18.69
C LYS F 94 -14.75 28.24 19.20
N ASN F 95 -14.68 28.01 20.51
CA ASN F 95 -15.44 26.94 21.15
C ASN F 95 -16.83 27.46 21.50
N ILE F 96 -17.86 26.75 21.03
CA ILE F 96 -19.25 27.09 21.30
C ILE F 96 -19.86 25.92 22.06
N GLN F 97 -20.27 26.17 23.30
CA GLN F 97 -20.87 25.14 24.13
C GLN F 97 -22.37 25.10 23.90
N THR F 98 -22.93 23.89 23.95
CA THR F 98 -24.35 23.70 23.69
C THR F 98 -24.75 22.30 24.12
N LEU F 99 -26.06 22.10 24.29
CA LEU F 99 -26.62 20.78 24.51
C LEU F 99 -27.23 20.26 23.23
N PRO F 100 -26.74 19.16 22.67
CA PRO F 100 -27.22 18.73 21.36
C PRO F 100 -28.67 18.26 21.38
N GLY F 101 -29.33 18.42 20.24
CA GLY F 101 -30.64 17.85 20.00
C GLY F 101 -30.55 16.39 19.62
N ILE F 102 -31.59 15.92 18.94
CA ILE F 102 -31.67 14.52 18.53
C ILE F 102 -32.17 14.45 17.08
N PHE F 103 -31.47 13.66 16.27
CA PHE F 103 -31.93 13.25 14.95
C PHE F 103 -32.53 11.87 15.11
N LYS F 104 -33.83 11.81 14.92
CA LYS F 104 -34.64 10.64 15.14
C LYS F 104 -34.83 9.96 13.79
N THR F 105 -34.20 8.81 13.58
CA THR F 105 -34.34 8.14 12.29
C THR F 105 -34.95 6.76 12.46
N LYS F 106 -35.33 6.14 11.34
CA LYS F 106 -35.85 4.78 11.43
C LYS F 106 -34.81 3.80 11.98
N ASP F 107 -33.53 4.12 11.85
CA ASP F 107 -32.46 3.27 12.33
C ASP F 107 -31.86 3.75 13.64
N GLY F 108 -32.53 4.64 14.36
CA GLY F 108 -32.07 5.12 15.64
C GLY F 108 -31.88 6.63 15.67
N ASP F 109 -31.47 7.10 16.84
CA ASP F 109 -31.26 8.52 17.09
C ASP F 109 -29.77 8.83 17.13
N ILE F 110 -29.40 9.99 16.58
CA ILE F 110 -28.04 10.51 16.62
C ILE F 110 -28.13 11.95 17.10
N GLY F 111 -27.17 12.35 17.94
CA GLY F 111 -27.17 13.70 18.45
C GLY F 111 -26.99 14.73 17.36
N ALA F 112 -27.56 15.92 17.59
CA ALA F 112 -27.50 17.02 16.64
C ALA F 112 -27.34 18.33 17.41
N VAL F 113 -26.57 19.25 16.84
CA VAL F 113 -26.30 20.56 17.45
C VAL F 113 -26.98 21.62 16.61
N ALA F 114 -27.65 22.56 17.29
CA ALA F 114 -28.39 23.63 16.62
C ALA F 114 -27.52 24.89 16.58
N LEU F 115 -26.47 24.81 15.76
CA LEU F 115 -25.55 25.91 15.54
C LEU F 115 -25.42 26.13 14.03
N ASP F 116 -25.59 27.37 13.60
CA ASP F 116 -25.61 27.70 12.18
C ASP F 116 -24.31 28.40 11.81
N TYR F 117 -23.54 27.77 10.92
CA TYR F 117 -22.27 28.30 10.45
C TYR F 117 -22.16 28.06 8.96
N PRO F 118 -21.34 28.84 8.26
CA PRO F 118 -21.27 28.71 6.80
C PRO F 118 -20.80 27.32 6.40
N ALA F 119 -21.00 27.00 5.12
CA ALA F 119 -20.65 25.67 4.62
C ALA F 119 -19.16 25.39 4.78
N GLY F 120 -18.33 26.42 4.80
CA GLY F 120 -16.90 26.24 4.99
C GLY F 120 -16.50 25.70 6.34
N THR F 121 -17.45 25.52 7.26
CA THR F 121 -17.17 25.04 8.60
C THR F 121 -17.36 23.54 8.73
N SER F 122 -17.88 22.88 7.69
CA SER F 122 -18.11 21.44 7.73
C SER F 122 -16.82 20.72 8.06
N GLY F 123 -16.90 19.76 8.97
CA GLY F 123 -15.75 19.01 9.45
C GLY F 123 -15.19 19.49 10.78
N SER F 124 -15.69 20.61 11.30
CA SER F 124 -15.23 21.08 12.60
C SER F 124 -15.59 20.06 13.68
N PRO F 125 -14.68 19.77 14.59
CA PRO F 125 -14.93 18.71 15.58
C PRO F 125 -15.88 19.15 16.67
N ILE F 126 -16.59 18.17 17.22
CA ILE F 126 -17.46 18.35 18.38
C ILE F 126 -16.86 17.55 19.53
N LEU F 127 -16.65 18.21 20.66
CA LEU F 127 -15.89 17.65 21.76
C LEU F 127 -16.76 17.44 22.99
N ASP F 128 -16.36 16.47 23.81
CA ASP F 128 -16.97 16.22 25.11
C ASP F 128 -16.13 16.87 26.21
N LYS F 129 -16.59 16.71 27.45
CA LYS F 129 -15.92 17.37 28.57
C LYS F 129 -14.46 16.96 28.69
N CYS F 130 -14.07 15.80 28.15
CA CYS F 130 -12.70 15.33 28.23
C CYS F 130 -11.88 15.69 26.99
N GLY F 131 -12.36 16.60 26.15
CA GLY F 131 -11.61 17.04 24.99
C GLY F 131 -11.57 16.04 23.86
N ARG F 132 -12.35 14.97 23.93
CA ARG F 132 -12.38 13.95 22.89
C ARG F 132 -13.39 14.32 21.81
N VAL F 133 -13.01 14.08 20.56
CA VAL F 133 -13.88 14.40 19.43
C VAL F 133 -14.97 13.34 19.34
N ILE F 134 -16.23 13.78 19.48
CA ILE F 134 -17.36 12.87 19.45
C ILE F 134 -18.12 12.92 18.13
N GLY F 135 -17.62 13.67 17.16
CA GLY F 135 -18.28 13.78 15.88
C GLY F 135 -17.80 15.00 15.13
N LEU F 136 -18.28 15.12 13.89
CA LEU F 136 -17.92 16.23 13.03
C LEU F 136 -19.18 17.01 12.64
N TYR F 137 -18.99 18.30 12.40
CA TYR F 137 -20.07 19.21 12.08
C TYR F 137 -20.04 19.53 10.58
N GLY F 138 -21.22 19.52 9.95
CA GLY F 138 -21.30 19.92 8.57
C GLY F 138 -22.33 19.20 7.73
N ASN F 139 -22.99 18.19 8.29
CA ASN F 139 -24.01 17.43 7.57
C ASN F 139 -25.29 17.44 8.41
N GLY F 140 -26.31 18.13 7.91
CA GLY F 140 -27.56 18.25 8.64
C GLY F 140 -28.68 18.80 7.78
N VAL F 141 -29.57 19.58 8.40
CA VAL F 141 -30.76 20.09 7.73
C VAL F 141 -30.92 21.57 8.04
N VAL F 142 -31.73 22.24 7.23
CA VAL F 142 -32.19 23.60 7.47
C VAL F 142 -33.65 23.53 7.88
N ILE F 143 -33.99 24.14 9.02
CA ILE F 143 -35.34 24.02 9.56
C ILE F 143 -36.22 25.18 9.09
N LYS F 144 -37.51 25.11 9.42
CA LYS F 144 -38.49 26.03 8.87
C LYS F 144 -38.09 27.49 9.05
N ASN F 145 -37.37 27.82 10.13
CA ASN F 145 -36.97 29.19 10.37
C ASN F 145 -35.77 29.61 9.54
N GLY F 146 -35.07 28.66 8.90
CA GLY F 146 -33.85 28.93 8.19
C GLY F 146 -32.58 28.67 8.96
N SER F 147 -32.67 28.36 10.25
CA SER F 147 -31.49 28.02 11.02
C SER F 147 -30.99 26.63 10.65
N TYR F 148 -29.67 26.46 10.67
CA TYR F 148 -29.05 25.18 10.34
C TYR F 148 -28.89 24.32 11.59
N VAL F 149 -29.19 23.03 11.45
CA VAL F 149 -29.02 22.06 12.52
C VAL F 149 -28.18 20.92 11.98
N SER F 150 -27.00 20.72 12.57
CA SER F 150 -26.04 19.73 12.10
C SER F 150 -26.10 18.46 12.95
N ALA F 151 -26.01 17.32 12.30
CA ALA F 151 -25.88 16.05 12.99
C ALA F 151 -24.47 15.88 13.54
N ILE F 152 -24.37 15.12 14.63
CA ILE F 152 -23.06 14.77 15.21
C ILE F 152 -22.62 13.49 14.51
N THR F 153 -21.86 13.65 13.43
CA THR F 153 -21.46 12.54 12.58
C THR F 153 -20.16 11.95 13.11
N GLN F 154 -20.21 10.70 13.55
CA GLN F 154 -19.05 10.01 14.09
C GLN F 154 -18.77 8.73 13.30
N GLY F 155 -17.49 8.42 13.13
CA GLY F 155 -17.07 7.23 12.45
C GLY F 155 -16.89 6.05 13.39
N LYS F 156 -16.24 5.01 12.88
CA LYS F 156 -15.98 3.79 13.64
C LYS F 156 -14.49 3.51 13.64
N ARG F 157 -14.03 2.91 14.74
CA ARG F 157 -12.62 2.57 14.93
C ARG F 157 -12.45 1.06 14.91
N GLU F 158 -11.41 0.60 14.21
CA GLU F 158 -11.12 -0.82 14.11
C GLU F 158 -12.21 -1.56 13.34
N ASP G 1 28.38 14.68 7.54
CA ASP G 1 29.30 14.15 8.54
C ASP G 1 28.86 14.53 9.95
N MET G 2 28.66 13.52 10.79
CA MET G 2 28.21 13.73 12.17
C MET G 2 29.38 13.65 13.13
N TYR G 3 29.26 14.37 14.24
CA TYR G 3 30.27 14.36 15.30
C TYR G 3 29.57 14.55 16.64
N ILE G 4 30.26 14.13 17.69
CA ILE G 4 29.72 14.20 19.05
C ILE G 4 30.61 15.10 19.90
N GLU G 5 30.00 15.77 20.87
CA GLU G 5 30.73 16.60 21.81
C GLU G 5 30.11 16.42 23.19
N ARG G 6 30.97 16.28 24.21
CA ARG G 6 30.50 16.01 25.55
C ARG G 6 29.56 17.10 26.05
N ALA G 7 28.55 16.69 26.80
CA ALA G 7 27.57 17.61 27.37
C ALA G 7 27.51 17.58 28.89
N GLY G 8 28.10 16.59 29.54
CA GLY G 8 28.11 16.54 30.99
C GLY G 8 28.21 15.11 31.47
N ASP G 9 28.21 14.97 32.79
CA ASP G 9 28.23 13.65 33.40
C ASP G 9 26.83 13.05 33.44
N ILE G 10 26.78 11.73 33.59
CA ILE G 10 25.53 11.01 33.77
C ILE G 10 25.39 10.78 35.27
N THR G 11 24.67 11.68 35.94
CA THR G 11 24.59 11.68 37.39
C THR G 11 23.22 12.15 37.82
N TRP G 12 22.76 11.63 38.96
CA TRP G 12 21.52 12.09 39.56
C TRP G 12 21.78 13.45 40.23
N GLU G 13 20.93 14.43 39.93
CA GLU G 13 21.08 15.78 40.46
C GLU G 13 20.13 15.97 41.62
N LYS G 14 20.68 16.41 42.76
CA LYS G 14 19.90 16.48 43.98
C LYS G 14 18.76 17.49 43.87
N ASP G 15 18.99 18.61 43.20
CA ASP G 15 18.02 19.70 43.13
C ASP G 15 17.33 19.73 41.76
N ALA G 16 16.74 18.60 41.38
CA ALA G 16 16.04 18.49 40.12
C ALA G 16 14.56 18.87 40.26
N GLU G 17 14.05 19.57 39.25
CA GLU G 17 12.64 19.94 39.20
C GLU G 17 11.78 18.73 38.86
N VAL G 18 10.65 18.57 39.56
CA VAL G 18 9.72 17.49 39.33
C VAL G 18 8.59 17.99 38.43
N THR G 19 8.42 17.34 37.28
CA THR G 19 7.42 17.76 36.31
C THR G 19 6.93 16.55 35.54
N GLY G 20 5.80 16.72 34.86
CA GLY G 20 5.26 15.68 34.01
C GLY G 20 4.35 14.70 34.73
N ASN G 21 3.24 14.32 34.10
CA ASN G 21 2.33 13.36 34.69
C ASN G 21 2.85 11.95 34.42
N SER G 22 2.05 10.94 34.77
CA SER G 22 2.44 9.53 34.65
C SER G 22 1.31 8.74 34.03
N PRO G 23 1.02 8.95 32.74
CA PRO G 23 -0.12 8.28 32.11
C PRO G 23 0.14 6.81 31.86
N ARG G 24 -0.95 6.04 31.89
CA ARG G 24 -0.93 4.62 31.57
C ARG G 24 -1.67 4.44 30.25
N LEU G 25 -0.92 4.08 29.20
CA LEU G 25 -1.44 4.06 27.84
C LEU G 25 -1.31 2.67 27.24
N ASP G 26 -2.30 2.32 26.41
CA ASP G 26 -2.24 1.10 25.61
C ASP G 26 -1.63 1.43 24.26
N VAL G 27 -0.47 0.85 23.96
CA VAL G 27 0.26 1.17 22.74
C VAL G 27 0.60 -0.11 22.00
N ALA G 28 0.91 0.05 20.71
CA ALA G 28 1.37 -1.05 19.87
C ALA G 28 2.66 -0.62 19.18
N LEU G 29 3.59 -1.56 19.04
CA LEU G 29 4.88 -1.30 18.42
C LEU G 29 4.99 -2.12 17.14
N ASP G 30 5.17 -1.44 16.02
CA ASP G 30 5.26 -2.10 14.73
C ASP G 30 6.70 -2.50 14.44
N GLU G 31 6.92 -3.15 13.29
CA GLU G 31 8.25 -3.62 12.94
C GLU G 31 9.23 -2.48 12.69
N SER G 32 8.75 -1.30 12.32
CA SER G 32 9.61 -0.15 12.10
C SER G 32 9.85 0.67 13.36
N GLY G 33 9.54 0.11 14.53
CA GLY G 33 9.83 0.80 15.78
C GLY G 33 8.92 1.97 16.10
N ASP G 34 7.72 2.02 15.54
CA ASP G 34 6.80 3.12 15.77
C ASP G 34 5.73 2.73 16.77
N PHE G 35 5.46 3.62 17.73
CA PHE G 35 4.42 3.39 18.72
C PHE G 35 3.08 3.96 18.24
N SER G 36 2.01 3.29 18.64
CA SER G 36 0.66 3.67 18.26
C SER G 36 -0.30 3.38 19.41
N LEU G 37 -1.27 4.27 19.60
CA LEU G 37 -2.28 4.04 20.62
C LEU G 37 -3.31 3.02 20.12
N VAL G 38 -3.69 2.11 21.01
CA VAL G 38 -4.64 1.05 20.68
C VAL G 38 -5.95 1.32 21.41
N GLU G 39 -6.99 0.59 21.01
CA GLU G 39 -8.28 0.65 21.69
C GLU G 39 -8.92 2.03 21.59
N THR H 1 35.93 5.82 24.59
CA THR H 1 36.15 7.26 24.78
C THR H 1 35.53 7.63 26.14
N THR H 2 35.45 8.93 26.43
CA THR H 2 35.21 9.43 27.78
C THR H 2 33.74 9.35 28.17
N ASP H 3 33.48 8.59 29.24
CA ASP H 3 32.14 8.46 29.80
C ASP H 3 31.47 9.83 29.93
N GLY H 4 30.14 9.83 29.81
CA GLY H 4 29.35 11.03 29.94
C GLY H 4 28.23 11.07 28.92
N VAL H 5 27.49 12.17 28.87
CA VAL H 5 26.43 12.37 27.89
C VAL H 5 26.96 13.32 26.84
N TYR H 6 26.57 13.09 25.59
CA TYR H 6 27.11 13.85 24.46
C TYR H 6 25.99 14.35 23.58
N ARG H 7 26.27 15.45 22.87
CA ARG H 7 25.42 15.91 21.80
C ARG H 7 25.88 15.28 20.49
N VAL H 8 24.91 14.91 19.65
CA VAL H 8 25.21 14.37 18.34
C VAL H 8 24.95 15.48 17.33
N MET H 9 26.04 16.03 16.78
CA MET H 9 25.96 17.19 15.91
C MET H 9 26.16 16.80 14.44
N THR H 10 25.67 17.69 13.55
CA THR H 10 25.82 17.64 12.10
C THR H 10 26.09 19.01 11.51
N ARG H 11 27.05 19.02 10.58
CA ARG H 11 27.46 20.17 9.79
C ARG H 11 27.10 19.88 8.34
N ARG H 12 25.78 19.83 8.04
CA ARG H 12 25.36 19.46 6.69
C ARG H 12 24.61 20.56 5.96
N LEU H 13 23.76 21.33 6.65
CA LEU H 13 23.03 22.40 5.98
C LEU H 13 23.92 23.60 5.70
N LEU H 14 24.24 24.33 6.77
CA LEU H 14 25.25 25.38 6.76
C LEU H 14 25.36 25.89 8.18
N GLY H 15 26.48 25.58 8.83
CA GLY H 15 26.52 25.56 10.27
C GLY H 15 26.22 24.17 10.79
N SER H 16 26.24 24.02 12.11
CA SER H 16 26.08 22.73 12.75
C SER H 16 24.67 22.58 13.30
N THR H 17 24.14 21.37 13.17
CA THR H 17 22.84 21.00 13.72
C THR H 17 23.02 19.97 14.81
N GLN H 18 22.25 20.09 15.89
CA GLN H 18 22.20 19.06 16.92
C GLN H 18 21.03 18.14 16.60
N VAL H 19 21.33 16.91 16.22
CA VAL H 19 20.30 15.96 15.80
C VAL H 19 19.86 15.03 16.93
N GLY H 20 20.63 14.92 18.00
CA GLY H 20 20.25 14.05 19.09
C GLY H 20 21.29 14.05 20.18
N VAL H 21 21.11 13.11 21.12
CA VAL H 21 21.97 12.96 22.28
C VAL H 21 22.34 11.49 22.41
N GLY H 22 23.48 11.24 23.06
CA GLY H 22 23.95 9.89 23.26
C GLY H 22 24.64 9.73 24.60
N VAL H 23 24.88 8.47 24.96
CA VAL H 23 25.52 8.11 26.22
C VAL H 23 26.80 7.36 25.91
N MET H 24 27.89 7.74 26.58
CA MET H 24 29.16 7.04 26.49
C MET H 24 29.40 6.31 27.79
N GLN H 25 29.54 4.98 27.71
CA GLN H 25 29.73 4.16 28.90
C GLN H 25 30.48 2.89 28.51
N GLU H 26 31.51 2.56 29.26
CA GLU H 26 32.33 1.37 29.02
C GLU H 26 32.88 1.37 27.60
N GLY H 27 33.25 2.55 27.11
CA GLY H 27 33.83 2.67 25.79
C GLY H 27 32.87 2.50 24.63
N VAL H 28 31.57 2.41 24.90
CA VAL H 28 30.55 2.25 23.87
C VAL H 28 29.64 3.46 23.89
N PHE H 29 29.33 3.98 22.70
CA PHE H 29 28.42 5.11 22.55
C PHE H 29 27.02 4.58 22.22
N HIS H 30 26.05 4.92 23.04
CA HIS H 30 24.67 4.47 22.88
C HIS H 30 23.80 5.65 22.47
N THR H 31 22.98 5.45 21.44
CA THR H 31 22.01 6.45 21.02
C THR H 31 20.83 5.73 20.36
N MET H 32 19.94 6.50 19.76
CA MET H 32 18.76 5.97 19.10
C MET H 32 18.98 5.91 17.60
N TRP H 33 18.40 4.88 16.97
CA TRP H 33 18.67 4.63 15.56
C TRP H 33 18.28 5.83 14.69
N HIS H 34 17.09 6.39 14.93
CA HIS H 34 16.62 7.49 14.09
C HIS H 34 17.51 8.72 14.17
N VAL H 35 18.43 8.77 15.13
CA VAL H 35 19.33 9.92 15.23
C VAL H 35 20.48 9.78 14.24
N THR H 36 21.20 8.66 14.29
CA THR H 36 22.31 8.44 13.38
C THR H 36 21.98 7.52 12.22
N LYS H 37 20.97 6.66 12.37
CA LYS H 37 20.62 5.68 11.34
C LYS H 37 21.83 4.86 10.92
N GLY H 38 22.67 4.51 11.90
CA GLY H 38 23.82 3.66 11.66
C GLY H 38 25.03 4.35 11.05
N ALA H 39 24.95 5.64 10.78
CA ALA H 39 26.10 6.33 10.18
C ALA H 39 27.25 6.39 11.18
N ALA H 40 28.46 6.57 10.65
CA ALA H 40 29.63 6.68 11.50
C ALA H 40 29.63 8.05 12.19
N LEU H 41 30.40 8.14 13.28
CA LEU H 41 30.47 9.34 14.08
C LEU H 41 31.91 9.75 14.27
N ARG H 42 32.16 11.05 14.23
CA ARG H 42 33.49 11.60 14.48
C ARG H 42 33.55 12.11 15.92
N SER H 43 34.58 11.70 16.65
CA SER H 43 34.80 12.13 18.03
C SER H 43 36.24 12.62 18.13
N GLY H 44 36.44 13.90 17.82
CA GLY H 44 37.78 14.45 17.81
C GLY H 44 38.55 14.04 16.57
N GLU H 45 39.71 13.40 16.77
CA GLU H 45 40.52 12.93 15.66
C GLU H 45 40.18 11.51 15.23
N GLY H 46 39.46 10.75 16.07
CA GLY H 46 39.11 9.39 15.74
C GLY H 46 37.74 9.27 15.11
N ARG H 47 37.38 8.03 14.77
CA ARG H 47 36.10 7.72 14.16
C ARG H 47 35.45 6.57 14.91
N LEU H 48 34.13 6.68 15.12
CA LEU H 48 33.35 5.65 15.80
C LEU H 48 32.45 4.97 14.79
N ASP H 49 32.63 3.67 14.62
CA ASP H 49 31.83 2.91 13.66
C ASP H 49 30.75 2.11 14.37
N PRO H 50 29.56 2.01 13.79
CA PRO H 50 28.49 1.26 14.43
C PRO H 50 28.88 -0.18 14.68
N TYR H 51 28.35 -0.75 15.76
CA TYR H 51 28.60 -2.11 16.17
C TYR H 51 27.34 -2.96 16.24
N TRP H 52 26.24 -2.39 16.71
CA TRP H 52 24.97 -3.09 16.78
C TRP H 52 23.84 -2.08 16.61
N GLY H 53 22.75 -2.53 15.99
CA GLY H 53 21.61 -1.67 15.78
C GLY H 53 20.36 -2.48 15.54
N ASP H 54 19.21 -1.85 15.83
CA ASP H 54 17.91 -2.48 15.65
C ASP H 54 16.88 -1.39 15.40
N VAL H 55 16.22 -1.45 14.25
CA VAL H 55 15.28 -0.40 13.90
C VAL H 55 14.03 -0.47 14.77
N LYS H 56 13.56 -1.69 15.08
CA LYS H 56 12.37 -1.82 15.90
C LYS H 56 12.61 -1.30 17.31
N GLN H 57 13.77 -1.59 17.89
CA GLN H 57 14.13 -1.01 19.18
C GLN H 57 14.51 0.45 19.07
N ASP H 58 14.85 0.93 17.86
CA ASP H 58 15.29 2.31 17.65
C ASP H 58 16.54 2.61 18.47
N LEU H 59 17.46 1.66 18.51
CA LEU H 59 18.70 1.78 19.27
C LEU H 59 19.89 1.41 18.41
N VAL H 60 21.04 1.98 18.74
CA VAL H 60 22.30 1.69 18.06
C VAL H 60 23.45 1.94 19.03
N SER H 61 24.47 1.09 18.93
CA SER H 61 25.67 1.20 19.75
C SER H 61 26.91 1.28 18.87
N TYR H 62 27.93 1.97 19.37
CA TYR H 62 29.18 2.16 18.64
C TYR H 62 30.35 1.62 19.45
N CYS H 63 31.32 1.04 18.74
CA CYS H 63 32.56 0.58 19.35
C CYS H 63 32.41 -0.72 20.16
N GLY H 64 31.18 -1.16 20.39
CA GLY H 64 30.96 -2.36 21.16
C GLY H 64 29.49 -2.66 21.38
N PRO H 65 29.20 -3.74 22.11
CA PRO H 65 27.81 -4.11 22.35
C PRO H 65 27.14 -3.18 23.33
N TRP H 66 25.81 -3.22 23.32
CA TRP H 66 25.01 -2.41 24.24
C TRP H 66 25.42 -2.70 25.69
N LYS H 67 25.71 -1.64 26.44
CA LYS H 67 26.20 -1.77 27.81
C LYS H 67 25.19 -1.36 28.87
N LEU H 68 24.12 -0.65 28.50
CA LEU H 68 23.15 -0.15 29.47
C LEU H 68 22.13 -1.23 29.78
N ASP H 69 22.04 -1.62 31.06
CA ASP H 69 21.16 -2.69 31.50
C ASP H 69 20.13 -2.28 32.55
N ALA H 70 20.36 -1.20 33.29
CA ALA H 70 19.45 -0.82 34.36
C ALA H 70 18.03 -0.59 33.84
N ALA H 71 17.05 -0.89 34.68
CA ALA H 71 15.64 -0.74 34.35
C ALA H 71 14.90 -0.02 35.47
N TRP H 72 13.79 0.62 35.11
CA TRP H 72 12.96 1.30 36.08
C TRP H 72 12.32 0.31 37.04
N ASP H 73 12.33 0.65 38.33
CA ASP H 73 11.76 -0.22 39.35
C ASP H 73 10.23 -0.21 39.36
N GLY H 74 9.60 0.69 38.60
CA GLY H 74 8.16 0.78 38.55
C GLY H 74 7.53 1.60 39.65
N LEU H 75 8.31 2.07 40.63
CA LEU H 75 7.81 2.84 41.75
C LEU H 75 8.52 4.18 41.90
N SER H 76 9.84 4.19 41.84
CA SER H 76 10.61 5.38 42.17
C SER H 76 10.54 6.41 41.04
N GLU H 77 10.80 7.67 41.40
CA GLU H 77 10.96 8.72 40.42
C GLU H 77 12.27 8.54 39.65
N VAL H 78 12.30 9.09 38.44
CA VAL H 78 13.49 9.07 37.60
C VAL H 78 13.84 10.50 37.20
N GLN H 79 14.98 10.64 36.53
CA GLN H 79 15.46 11.94 36.07
C GLN H 79 15.83 11.82 34.60
N LEU H 80 15.23 12.67 33.77
CA LEU H 80 15.59 12.78 32.37
C LEU H 80 16.76 13.77 32.25
N LEU H 81 17.93 13.27 31.87
CA LEU H 81 19.09 14.13 31.65
C LEU H 81 18.98 14.70 30.24
N ALA H 82 18.12 15.70 30.11
CA ALA H 82 17.83 16.32 28.82
C ALA H 82 18.99 17.21 28.38
N VAL H 83 19.44 17.03 27.15
CA VAL H 83 20.48 17.87 26.58
C VAL H 83 19.89 18.58 25.35
N PRO H 84 19.07 19.61 25.55
CA PRO H 84 18.47 20.28 24.40
C PRO H 84 19.49 21.09 23.64
N PRO H 85 19.32 21.26 22.33
CA PRO H 85 20.27 22.05 21.55
C PRO H 85 20.35 23.48 22.07
N GLY H 86 21.57 23.98 22.26
CA GLY H 86 21.81 25.33 22.71
C GLY H 86 21.65 25.56 24.20
N GLU H 87 21.26 24.55 24.97
CA GLU H 87 21.10 24.68 26.41
C GLU H 87 22.04 23.72 27.13
N ARG H 88 22.20 23.95 28.42
CA ARG H 88 23.08 23.13 29.24
C ARG H 88 22.34 21.88 29.69
N ALA H 89 23.10 20.82 29.96
CA ALA H 89 22.48 19.59 30.42
C ALA H 89 21.75 19.83 31.73
N LYS H 90 20.48 19.44 31.77
CA LYS H 90 19.61 19.67 32.92
C LYS H 90 18.87 18.39 33.26
N ASN H 91 18.85 18.06 34.55
CA ASN H 91 18.13 16.90 35.03
C ASN H 91 16.68 17.28 35.32
N ILE H 92 15.74 16.52 34.76
CA ILE H 92 14.32 16.74 34.95
C ILE H 92 13.77 15.51 35.65
N GLN H 93 13.28 15.68 36.87
CA GLN H 93 12.75 14.58 37.67
C GLN H 93 11.26 14.40 37.38
N THR H 94 10.82 13.15 37.39
CA THR H 94 9.44 12.83 37.09
C THR H 94 9.17 11.39 37.51
N LEU H 95 7.88 11.06 37.63
CA LEU H 95 7.47 9.68 37.82
C LEU H 95 6.97 9.12 36.50
N PRO H 96 7.63 8.11 35.94
CA PRO H 96 7.26 7.65 34.60
C PRO H 96 5.89 7.01 34.57
N GLY H 97 5.23 7.13 33.42
CA GLY H 97 4.03 6.38 33.15
C GLY H 97 4.37 4.98 32.70
N ILE H 98 3.44 4.33 32.02
CA ILE H 98 3.61 2.96 31.55
C ILE H 98 3.05 2.84 30.14
N PHE H 99 3.81 2.18 29.27
CA PHE H 99 3.33 1.75 27.96
C PHE H 99 2.90 0.29 28.09
N LYS H 100 1.61 0.04 27.95
CA LYS H 100 1.06 -1.30 28.10
C LYS H 100 0.97 -1.95 26.72
N THR H 101 1.81 -2.96 26.48
CA THR H 101 1.86 -3.66 25.21
C THR H 101 1.55 -5.13 25.42
N LYS H 102 1.29 -5.82 24.30
CA LYS H 102 1.05 -7.26 24.36
C LYS H 102 2.27 -8.02 24.81
N ASP H 103 3.47 -7.45 24.65
CA ASP H 103 4.72 -8.10 25.01
C ASP H 103 5.27 -7.56 26.34
N GLY H 104 4.43 -6.90 27.13
CA GLY H 104 4.82 -6.38 28.42
C GLY H 104 4.61 -4.88 28.50
N ASP H 105 4.95 -4.33 29.66
CA ASP H 105 4.81 -2.91 29.93
C ASP H 105 6.18 -2.24 29.84
N ILE H 106 6.20 -1.02 29.34
CA ILE H 106 7.41 -0.23 29.22
C ILE H 106 7.18 1.12 29.88
N GLY H 107 8.18 1.60 30.62
CA GLY H 107 8.06 2.90 31.25
C GLY H 107 8.00 4.00 30.22
N ALA H 108 7.30 5.08 30.59
CA ALA H 108 7.15 6.22 29.71
C ALA H 108 7.19 7.50 30.53
N VAL H 109 7.84 8.52 29.98
CA VAL H 109 7.96 9.83 30.62
C VAL H 109 7.17 10.83 29.79
N ALA H 110 6.36 11.65 30.47
CA ALA H 110 5.53 12.64 29.80
C ALA H 110 6.24 13.99 29.83
N LEU H 111 7.33 14.06 29.08
CA LEU H 111 8.11 15.28 28.94
C LEU H 111 8.32 15.59 27.47
N ASP H 112 8.00 16.82 27.07
CA ASP H 112 8.07 17.25 25.69
C ASP H 112 9.27 18.17 25.54
N TYR H 113 10.24 17.77 24.72
CA TYR H 113 11.46 18.52 24.50
C TYR H 113 11.79 18.49 23.03
N PRO H 114 12.61 19.43 22.55
CA PRO H 114 12.86 19.54 21.12
C PRO H 114 13.47 18.26 20.55
N ALA H 115 13.40 18.16 19.21
CA ALA H 115 13.85 16.96 18.53
C ALA H 115 15.35 16.71 18.74
N GLY H 116 16.12 17.76 18.98
CA GLY H 116 17.54 17.59 19.21
C GLY H 116 17.88 16.87 20.49
N THR H 117 16.88 16.53 21.31
CA THR H 117 17.10 15.89 22.60
C THR H 117 16.97 14.37 22.53
N SER H 118 16.52 13.83 21.40
CA SER H 118 16.36 12.38 21.29
C SER H 118 17.68 11.68 21.60
N GLY H 119 17.61 10.65 22.43
CA GLY H 119 18.77 9.93 22.89
C GLY H 119 19.25 10.34 24.26
N SER H 120 18.65 11.37 24.85
CA SER H 120 19.05 11.79 26.19
C SER H 120 18.75 10.67 27.18
N PRO H 121 19.68 10.40 28.10
CA PRO H 121 19.50 9.26 29.01
C PRO H 121 18.49 9.57 30.11
N ILE H 122 17.86 8.50 30.60
CA ILE H 122 16.95 8.55 31.74
C ILE H 122 17.59 7.76 32.86
N LEU H 123 17.71 8.39 34.03
CA LEU H 123 18.49 7.84 35.13
C LEU H 123 17.60 7.50 36.32
N ASP H 124 18.04 6.52 37.11
CA ASP H 124 17.42 6.18 38.37
C ASP H 124 18.17 6.86 39.51
N LYS H 125 17.73 6.61 40.74
CA LYS H 125 18.29 7.30 41.89
C LYS H 125 19.79 7.11 42.03
N CYS H 126 20.35 6.04 41.47
CA CYS H 126 21.78 5.78 41.56
C CYS H 126 22.55 6.22 40.32
N GLY H 127 21.94 7.05 39.47
CA GLY H 127 22.64 7.59 38.32
C GLY H 127 22.84 6.63 37.17
N ARG H 128 22.21 5.45 37.21
CA ARG H 128 22.35 4.47 36.15
C ARG H 128 21.32 4.73 35.05
N VAL H 129 21.77 4.58 33.80
CA VAL H 129 20.90 4.83 32.66
C VAL H 129 19.91 3.68 32.50
N ILE H 130 18.62 4.00 32.63
CA ILE H 130 17.56 3.01 32.51
C ILE H 130 16.83 3.08 31.18
N GLY H 131 17.27 3.94 30.28
CA GLY H 131 16.63 4.06 28.98
C GLY H 131 17.00 5.37 28.32
N LEU H 132 16.54 5.51 27.08
CA LEU H 132 16.78 6.69 26.27
C LEU H 132 15.46 7.34 25.89
N TYR H 133 15.49 8.66 25.70
CA TYR H 133 14.31 9.45 25.41
C TYR H 133 14.27 9.82 23.93
N GLY H 134 13.09 9.69 23.32
CA GLY H 134 12.92 10.14 21.95
C GLY H 134 11.99 9.33 21.07
N ASN H 135 11.45 8.22 21.58
CA ASN H 135 10.55 7.37 20.81
C ASN H 135 9.28 7.13 21.62
N GLY H 136 8.15 7.63 21.12
CA GLY H 136 6.88 7.47 21.84
C GLY H 136 5.65 7.78 21.01
N VAL H 137 4.62 8.33 21.65
CA VAL H 137 3.33 8.58 21.01
C VAL H 137 2.87 10.00 21.36
N VAL H 138 1.94 10.51 20.57
CA VAL H 138 1.26 11.77 20.84
C VAL H 138 -0.19 11.51 21.24
N ILE H 139 -0.60 12.04 22.38
CA ILE H 139 -1.95 11.82 22.90
C ILE H 139 -2.86 13.00 22.55
N LYS H 140 -4.13 12.91 22.95
CA LYS H 140 -5.18 13.79 22.44
C LYS H 140 -4.83 15.28 22.49
N ASN H 141 -4.05 15.71 23.48
CA ASN H 141 -3.73 17.14 23.57
C ASN H 141 -2.62 17.57 22.63
N GLY H 142 -1.88 16.63 22.05
CA GLY H 142 -0.69 16.97 21.30
C GLY H 142 0.58 16.85 22.11
N SER H 143 0.47 16.56 23.40
CA SER H 143 1.64 16.37 24.24
C SER H 143 2.34 15.08 23.88
N TYR H 144 3.67 15.10 23.95
CA TYR H 144 4.49 13.96 23.62
C TYR H 144 4.76 13.12 24.86
N VAL H 145 4.68 11.79 24.69
CA VAL H 145 4.99 10.84 25.75
C VAL H 145 6.03 9.88 25.20
N SER H 146 7.21 9.88 25.80
CA SER H 146 8.32 9.06 25.32
C SER H 146 8.44 7.79 26.14
N ALA H 147 8.71 6.69 25.44
CA ALA H 147 9.02 5.44 26.11
C ALA H 147 10.43 5.50 26.67
N ILE H 148 10.65 4.75 27.75
CA ILE H 148 11.99 4.59 28.31
C ILE H 148 12.60 3.40 27.58
N THR H 149 13.31 3.69 26.50
CA THR H 149 13.81 2.67 25.60
C THR H 149 15.16 2.17 26.08
N GLN H 150 15.21 0.89 26.45
CA GLN H 150 16.43 0.26 26.94
C GLN H 150 16.76 -0.94 26.06
N GLY H 151 18.05 -1.17 25.85
CA GLY H 151 18.51 -2.29 25.06
C GLY H 151 18.76 -3.52 25.91
N LYS H 152 19.44 -4.49 25.30
CA LYS H 152 19.76 -5.75 25.95
C LYS H 152 21.28 -5.95 25.89
N ARG H 153 21.89 -6.14 27.04
CA ARG H 153 23.35 -6.28 27.12
C ARG H 153 23.78 -7.74 27.02
N GLY I 2 4.84 -8.93 -0.76
CA GLY I 2 3.49 -8.51 -0.98
C GLY I 2 3.31 -7.79 -2.31
N LYS I 3 2.57 -8.41 -3.38
CA LYS I 3 2.45 -7.59 -4.55
C LYS I 3 1.02 -7.42 -5.04
N ARG I 4 0.76 -6.51 -6.15
CA ARG I 4 -0.56 -6.41 -6.70
C ARG I 4 -0.57 -6.47 -8.22
N LYS I 5 -1.83 -6.41 -8.95
CA LYS I 5 -1.81 -6.42 -10.40
C LYS I 5 -2.55 -5.18 -10.86
#